data_9ISU
#
_entry.id   9ISU
#
_cell.length_a   58.900
_cell.length_b   148.320
_cell.length_c   65.330
_cell.angle_alpha   90.00
_cell.angle_beta   100.11
_cell.angle_gamma   90.00
#
_symmetry.space_group_name_H-M   'P 1 21 1'
#
loop_
_entity.id
_entity.type
_entity.pdbx_description
1 polymer 'Bifunctional cytochrome P450/NADPH--P450 reductase'
2 non-polymer 'PROTOPORPHYRIN IX CONTAINING FE'
3 non-polymer N-[(3S)-2-oxotetrahydrofuran-3-yl]decanamide
4 non-polymer 'DIMETHYL SULFOXIDE'
5 non-polymer GLYCEROL
6 water water
#
_entity_poly.entity_id   1
_entity_poly.type   'polypeptide(L)'
_entity_poly.pdbx_seq_one_letter_code
;TIKEMPQPKTFGELKNLPLLNTDKVVQALMKIADELGEIFKFEAPGWVLRYLSSQRLIKEACDESRFDKNLSGVLKFVRD
FAGDGLFTSWTHEKNWKKAHNILLPSFSQQAMKGYHAMMVDIAVQLVQKWERLNADEHIEVPEDMTRLTLDTIGLCGFNY
RFNSFYRDQPHPFITSMVRALDEAMNKPQRANPDDPAYDENKRQFQEDIKVMNDLVDKIIADRKASGEQSDDLLTHMLNG
KDPETGEPLDDENIRYQIITFLIAGHETTSGLLSFALYFLVKNPHVLQKAAEEAARVLVDPVPSYKQVKQLKYVGMVLNE
ALRLWPTAPAFSLYAKEDTVLGGEYPLEKGDELMVLIPQLHRDKTIWGDDVEEFRPERFENPSAIPQHAFKPFGNGQRAC
IGQQFALHEATLVLGMMLKHFDFEDHTNYELDIKETLTLKPEGFVVKAKSKKIPL
;
_entity_poly.pdbx_strand_id   A,B
#
loop_
_chem_comp.id
_chem_comp.type
_chem_comp.name
_chem_comp.formula
DMS non-polymer 'DIMETHYL SULFOXIDE' 'C2 H6 O S'
GOL non-polymer GLYCEROL 'C3 H8 O3'
HEM non-polymer 'PROTOPORPHYRIN IX CONTAINING FE' 'C34 H32 Fe N4 O4'
HL0 non-polymer N-[(3S)-2-oxotetrahydrofuran-3-yl]decanamide 'C14 H25 N O3'
#
# COMPACT_ATOMS: atom_id res chain seq x y z
N ILE A 2 -24.21 15.65 53.91
CA ILE A 2 -23.71 16.69 52.95
C ILE A 2 -22.22 16.91 53.22
N LYS A 3 -21.36 16.65 52.22
CA LYS A 3 -19.89 16.72 52.33
C LYS A 3 -19.32 17.62 51.23
N GLU A 4 -18.16 18.22 51.52
CA GLU A 4 -17.33 18.94 50.52
C GLU A 4 -16.56 17.90 49.68
N MET A 5 -16.49 18.07 48.36
CA MET A 5 -15.73 17.06 47.59
C MET A 5 -14.27 17.50 47.50
N PRO A 6 -13.40 16.50 47.41
CA PRO A 6 -11.99 16.69 47.19
C PRO A 6 -11.71 17.37 45.84
N GLN A 7 -10.55 17.96 45.72
CA GLN A 7 -10.08 18.70 44.52
C GLN A 7 -8.59 18.51 44.36
N PRO A 8 -8.05 18.26 43.16
CA PRO A 8 -6.63 18.10 42.96
C PRO A 8 -5.87 19.43 43.12
N LYS A 9 -4.58 19.36 43.00
CA LYS A 9 -3.68 20.50 43.23
C LYS A 9 -3.98 21.65 42.27
N THR A 10 -3.75 22.86 42.76
CA THR A 10 -4.08 24.13 42.09
C THR A 10 -2.83 24.94 41.74
N PHE A 11 -3.00 25.87 40.80
CA PHE A 11 -2.00 26.71 40.16
C PHE A 11 -2.51 28.17 40.25
N GLY A 12 -2.74 28.66 41.47
CA GLY A 12 -3.15 30.08 41.62
C GLY A 12 -4.40 30.41 40.83
N GLU A 13 -4.35 31.50 40.05
CA GLU A 13 -5.56 31.98 39.34
C GLU A 13 -5.96 31.00 38.24
N LEU A 14 -5.08 30.10 37.86
CA LEU A 14 -5.42 29.08 36.80
C LEU A 14 -6.14 27.89 37.45
N LYS A 15 -6.29 27.78 38.75
CA LYS A 15 -7.04 26.72 39.44
C LYS A 15 -6.43 25.39 38.98
N ASN A 16 -7.25 24.46 38.46
CA ASN A 16 -6.74 23.12 38.06
C ASN A 16 -6.38 23.08 36.59
N LEU A 17 -6.56 24.18 35.85
CA LEU A 17 -6.41 24.10 34.37
C LEU A 17 -5.06 23.56 33.91
N PRO A 18 -3.89 23.82 34.56
CA PRO A 18 -2.64 23.27 34.07
C PRO A 18 -2.55 21.74 34.14
N LEU A 19 -3.40 21.09 34.91
CA LEU A 19 -3.40 19.60 34.92
C LEU A 19 -3.82 19.09 33.55
N LEU A 20 -4.52 19.87 32.73
CA LEU A 20 -4.91 19.37 31.39
C LEU A 20 -3.75 19.43 30.42
N ASN A 21 -2.65 20.11 30.78
CA ASN A 21 -1.52 20.29 29.88
C ASN A 21 -0.65 19.03 29.91
N THR A 22 -1.15 17.97 29.26
CA THR A 22 -0.48 16.65 29.19
C THR A 22 -1.00 15.99 27.93
N ASP A 23 -0.20 15.14 27.29
CA ASP A 23 -0.74 14.38 26.14
C ASP A 23 -1.42 13.09 26.63
N LYS A 24 -1.51 12.81 27.94
CA LYS A 24 -2.22 11.60 28.48
C LYS A 24 -3.18 12.05 29.60
N VAL A 25 -4.16 12.86 29.24
CA VAL A 25 -5.04 13.48 30.25
C VAL A 25 -5.99 12.48 30.92
N VAL A 26 -6.54 11.48 30.19
CA VAL A 26 -7.41 10.48 30.83
C VAL A 26 -6.61 9.70 31.89
N GLN A 27 -5.41 9.30 31.52
CA GLN A 27 -4.57 8.49 32.47
C GLN A 27 -4.20 9.39 33.68
N ALA A 28 -4.00 10.69 33.45
CA ALA A 28 -3.74 11.65 34.57
C ALA A 28 -4.96 11.71 35.48
N LEU A 29 -6.17 11.79 34.90
CA LEU A 29 -7.39 11.86 35.69
C LEU A 29 -7.68 10.55 36.44
N MET A 30 -7.34 9.40 35.82
CA MET A 30 -7.43 8.11 36.57
C MET A 30 -6.51 8.13 37.81
N LYS A 31 -5.32 8.65 37.68
CA LYS A 31 -4.39 8.68 38.86
C LYS A 31 -4.96 9.63 39.92
N ILE A 32 -5.57 10.77 39.51
CA ILE A 32 -6.21 11.70 40.49
C ILE A 32 -7.35 10.97 41.16
N ALA A 33 -8.21 10.24 40.40
CA ALA A 33 -9.30 9.45 40.98
C ALA A 33 -8.77 8.41 42.00
N ASP A 34 -7.67 7.76 41.68
CA ASP A 34 -7.09 6.76 42.62
C ASP A 34 -6.74 7.46 43.93
N GLU A 35 -6.25 8.69 43.86
CA GLU A 35 -5.81 9.46 45.07
C GLU A 35 -7.03 10.01 45.82
N LEU A 36 -8.06 10.52 45.13
CA LEU A 36 -9.13 11.28 45.80
C LEU A 36 -10.43 10.50 46.00
N GLY A 37 -10.65 9.44 45.21
CA GLY A 37 -11.80 8.56 45.39
C GLY A 37 -12.94 8.76 44.41
N GLU A 38 -14.15 8.52 44.87
CA GLU A 38 -15.28 8.26 43.97
C GLU A 38 -15.66 9.55 43.25
N ILE A 39 -15.35 10.71 43.77
CA ILE A 39 -15.82 12.00 43.16
C ILE A 39 -14.80 13.07 43.44
N PHE A 40 -14.46 13.93 42.49
CA PHE A 40 -13.63 15.10 42.76
C PHE A 40 -14.05 16.23 41.84
N LYS A 41 -13.88 17.47 42.32
CA LYS A 41 -14.17 18.67 41.54
C LYS A 41 -12.91 19.15 40.83
N PHE A 42 -13.08 19.61 39.60
CA PHE A 42 -11.99 20.08 38.74
C PHE A 42 -12.40 21.45 38.23
N GLU A 43 -11.70 22.48 38.66
CA GLU A 43 -12.07 23.89 38.37
C GLU A 43 -11.08 24.51 37.42
N ALA A 44 -11.58 25.35 36.51
CA ALA A 44 -10.79 26.19 35.61
C ALA A 44 -11.39 27.59 35.72
N PRO A 45 -10.70 28.62 35.23
CA PRO A 45 -11.36 29.92 35.11
C PRO A 45 -12.61 29.73 34.18
N GLY A 46 -13.79 29.96 34.70
CA GLY A 46 -14.98 29.90 33.82
C GLY A 46 -15.67 28.56 33.72
N TRP A 47 -15.17 27.45 34.31
CA TRP A 47 -16.00 26.22 34.30
C TRP A 47 -15.63 25.29 35.47
N VAL A 48 -16.51 24.39 35.78
CA VAL A 48 -16.29 23.32 36.80
C VAL A 48 -16.80 22.00 36.26
N LEU A 49 -16.10 20.92 36.51
CA LEU A 49 -16.52 19.53 36.16
C LEU A 49 -16.40 18.69 37.41
N ARG A 50 -17.32 17.81 37.66
CA ARG A 50 -17.19 16.80 38.74
C ARG A 50 -16.92 15.43 38.11
N TYR A 51 -15.81 14.80 38.45
CA TYR A 51 -15.38 13.49 37.89
C TYR A 51 -15.87 12.38 38.79
N LEU A 52 -16.65 11.43 38.24
CA LEU A 52 -17.23 10.27 38.96
C LEU A 52 -16.47 9.00 38.61
N SER A 53 -16.25 8.14 39.62
CA SER A 53 -15.50 6.87 39.44
C SER A 53 -16.20 5.66 40.06
N SER A 54 -17.18 5.82 40.90
CA SER A 54 -17.81 4.65 41.57
C SER A 54 -19.08 4.23 40.88
N GLN A 55 -19.40 2.93 40.87
CA GLN A 55 -20.73 2.46 40.42
C GLN A 55 -21.86 3.14 41.21
N ARG A 56 -21.67 3.36 42.55
CA ARG A 56 -22.75 3.93 43.40
C ARG A 56 -23.20 5.28 42.82
N LEU A 57 -22.23 6.12 42.48
CA LEU A 57 -22.57 7.49 41.99
C LEU A 57 -22.93 7.46 40.50
N ILE A 58 -22.22 6.61 39.73
CA ILE A 58 -22.47 6.52 38.26
C ILE A 58 -23.85 5.96 37.96
N LYS A 59 -24.33 5.02 38.75
CA LYS A 59 -25.71 4.50 38.61
CA LYS A 59 -25.70 4.49 38.56
C LYS A 59 -26.71 5.66 38.73
N GLU A 60 -26.49 6.57 39.69
CA GLU A 60 -27.41 7.72 39.84
C GLU A 60 -27.29 8.68 38.64
N ALA A 61 -26.07 8.97 38.19
CA ALA A 61 -25.84 9.84 37.03
C ALA A 61 -26.53 9.28 35.80
N CYS A 62 -26.69 7.97 35.73
CA CYS A 62 -27.28 7.28 34.56
C CYS A 62 -28.81 7.22 34.62
N ASP A 63 -29.45 7.83 35.65
CA ASP A 63 -30.90 7.99 35.73
C ASP A 63 -31.30 9.16 34.81
N GLU A 64 -31.92 8.80 33.66
CA GLU A 64 -32.27 9.78 32.60
C GLU A 64 -33.38 10.73 33.07
N SER A 65 -34.09 10.41 34.15
CA SER A 65 -35.06 11.39 34.71
C SER A 65 -34.35 12.54 35.41
N ARG A 66 -33.09 12.39 35.80
CA ARG A 66 -32.35 13.38 36.60
C ARG A 66 -31.21 14.04 35.81
N PHE A 67 -30.60 13.30 34.85
CA PHE A 67 -29.38 13.77 34.14
C PHE A 67 -29.54 13.44 32.65
N ASP A 68 -29.02 14.32 31.82
CA ASP A 68 -29.05 14.14 30.33
C ASP A 68 -27.59 14.26 29.83
N LYS A 69 -27.35 13.80 28.60
CA LYS A 69 -26.03 13.93 27.98
C LYS A 69 -25.64 15.41 27.91
N ASN A 70 -24.41 15.68 28.32
CA ASN A 70 -23.76 16.99 28.17
C ASN A 70 -22.71 16.97 27.08
N LEU A 71 -22.53 18.08 26.36
CA LEU A 71 -21.37 18.25 25.46
C LEU A 71 -20.26 18.87 26.29
N SER A 72 -19.25 18.06 26.57
CA SER A 72 -18.01 18.51 27.23
C SER A 72 -17.31 19.52 26.33
N GLY A 73 -16.25 20.19 26.83
CA GLY A 73 -15.58 21.17 25.98
C GLY A 73 -15.03 20.51 24.70
N VAL A 74 -14.47 19.33 24.82
CA VAL A 74 -13.93 18.64 23.61
C VAL A 74 -15.09 18.37 22.63
N LEU A 75 -16.24 17.90 23.10
CA LEU A 75 -17.34 17.66 22.10
C LEU A 75 -17.87 18.96 21.50
N LYS A 76 -17.85 20.07 22.22
CA LYS A 76 -18.25 21.37 21.64
C LYS A 76 -17.31 21.78 20.52
N PHE A 77 -16.02 21.46 20.65
CA PHE A 77 -15.07 21.74 19.56
C PHE A 77 -15.15 20.71 18.41
N VAL A 78 -15.41 19.44 18.74
CA VAL A 78 -15.66 18.44 17.66
C VAL A 78 -16.91 18.84 16.86
N ARG A 79 -17.88 19.46 17.53
CA ARG A 79 -19.08 19.93 16.82
C ARG A 79 -18.79 20.96 15.73
N ASP A 80 -17.63 21.62 15.76
CA ASP A 80 -17.28 22.53 14.65
C ASP A 80 -17.14 21.80 13.31
N PHE A 81 -16.89 20.48 13.30
CA PHE A 81 -16.91 19.69 12.06
C PHE A 81 -17.97 18.55 12.05
N ALA A 82 -18.39 18.02 13.20
CA ALA A 82 -19.43 16.95 13.25
C ALA A 82 -20.84 17.52 13.43
N GLY A 83 -20.98 18.84 13.63
CA GLY A 83 -22.25 19.55 13.62
C GLY A 83 -23.27 18.96 14.55
N ASP A 84 -24.51 18.92 14.10
CA ASP A 84 -25.61 18.30 14.86
C ASP A 84 -25.84 16.87 14.39
N GLY A 85 -24.74 16.16 14.06
CA GLY A 85 -24.81 14.69 13.92
C GLY A 85 -25.16 14.03 15.27
N LEU A 86 -25.34 12.72 15.30
CA LEU A 86 -25.87 12.09 16.52
C LEU A 86 -24.94 12.27 17.72
N PHE A 87 -23.64 12.25 17.54
CA PHE A 87 -22.69 12.26 18.65
C PHE A 87 -22.54 13.64 19.30
N THR A 88 -22.69 14.69 18.53
CA THR A 88 -22.43 16.08 19.02
C THR A 88 -23.72 16.92 19.05
N SER A 89 -24.89 16.31 19.06
CA SER A 89 -26.17 17.02 19.26
C SER A 89 -26.62 16.90 20.70
N TRP A 90 -27.37 17.91 21.16
CA TRP A 90 -28.10 17.82 22.42
C TRP A 90 -29.38 17.01 22.20
N THR A 91 -29.83 16.30 23.24
CA THR A 91 -31.01 15.41 23.16
C THR A 91 -32.26 16.20 22.74
N HIS A 92 -32.31 17.48 23.11
CA HIS A 92 -33.48 18.36 22.85
C HIS A 92 -33.44 19.00 21.48
N GLU A 93 -32.37 18.89 20.71
CA GLU A 93 -32.33 19.46 19.35
C GLU A 93 -33.21 18.55 18.48
N LYS A 94 -34.00 19.13 17.55
CA LYS A 94 -34.89 18.36 16.68
C LYS A 94 -34.08 17.30 15.95
N ASN A 95 -32.92 17.64 15.42
CA ASN A 95 -32.19 16.66 14.58
C ASN A 95 -31.66 15.46 15.37
N TRP A 96 -31.56 15.49 16.70
CA TRP A 96 -31.09 14.29 17.42
C TRP A 96 -32.14 13.21 17.26
N LYS A 97 -33.39 13.42 17.73
CA LYS A 97 -34.38 12.35 17.73
C LYS A 97 -34.73 11.98 16.28
N LYS A 98 -34.75 12.92 15.36
CA LYS A 98 -35.09 12.62 13.97
C LYS A 98 -34.04 11.67 13.43
N ALA A 99 -32.75 11.99 13.53
CA ALA A 99 -31.72 11.10 12.96
C ALA A 99 -31.69 9.77 13.73
N HIS A 100 -31.92 9.77 15.04
CA HIS A 100 -31.95 8.53 15.85
C HIS A 100 -33.04 7.60 15.30
N ASN A 101 -34.25 8.14 15.11
CA ASN A 101 -35.35 7.28 14.62
C ASN A 101 -35.02 6.75 13.22
N ILE A 102 -34.43 7.57 12.34
CA ILE A 102 -34.11 7.11 10.96
C ILE A 102 -33.03 6.05 10.99
N LEU A 103 -31.99 6.25 11.79
CA LEU A 103 -30.77 5.41 11.72
C LEU A 103 -30.87 4.17 12.60
N LEU A 104 -31.67 4.12 13.66
CA LEU A 104 -31.70 2.91 14.52
C LEU A 104 -31.86 1.61 13.73
N PRO A 105 -32.76 1.50 12.73
CA PRO A 105 -32.92 0.22 12.04
C PRO A 105 -31.68 -0.12 11.20
N SER A 106 -30.88 0.84 10.78
CA SER A 106 -29.66 0.61 10.00
C SER A 106 -28.52 0.10 10.87
N PHE A 107 -28.69 0.09 12.20
CA PHE A 107 -27.61 -0.31 13.14
C PHE A 107 -28.00 -1.48 14.00
N SER A 108 -29.14 -2.12 13.71
CA SER A 108 -29.64 -3.24 14.52
C SER A 108 -28.81 -4.48 14.23
N GLN A 109 -28.97 -5.43 15.17
CA GLN A 109 -28.31 -6.72 14.95
C GLN A 109 -28.77 -7.33 13.63
N GLN A 110 -30.04 -7.22 13.28
CA GLN A 110 -30.56 -7.73 12.00
C GLN A 110 -29.87 -7.04 10.81
N ALA A 111 -29.59 -5.74 10.89
CA ALA A 111 -28.91 -5.01 9.81
C ALA A 111 -27.47 -5.52 9.52
N MET A 112 -26.86 -6.12 10.54
CA MET A 112 -25.49 -6.63 10.38
C MET A 112 -25.41 -7.73 9.32
N LYS A 113 -26.51 -8.47 9.08
CA LYS A 113 -26.48 -9.47 8.02
C LYS A 113 -26.16 -8.80 6.69
N GLY A 114 -26.63 -7.59 6.45
CA GLY A 114 -26.41 -6.88 5.18
C GLY A 114 -25.02 -6.29 5.05
N TYR A 115 -24.36 -5.92 6.16
CA TYR A 115 -23.01 -5.34 6.13
C TYR A 115 -21.91 -6.43 6.13
N HIS A 116 -22.27 -7.65 6.50
CA HIS A 116 -21.29 -8.75 6.76
C HIS A 116 -20.37 -8.92 5.56
N ALA A 117 -20.89 -9.01 4.34
CA ALA A 117 -20.04 -9.29 3.15
C ALA A 117 -19.01 -8.19 2.93
N MET A 118 -19.33 -6.93 3.15
CA MET A 118 -18.36 -5.82 3.02
C MET A 118 -17.31 -5.92 4.14
N MET A 119 -17.72 -6.26 5.38
CA MET A 119 -16.75 -6.43 6.47
C MET A 119 -15.79 -7.55 6.11
N VAL A 120 -16.28 -8.65 5.55
CA VAL A 120 -15.40 -9.77 5.15
C VAL A 120 -14.43 -9.32 4.07
N ASP A 121 -14.84 -8.50 3.09
CA ASP A 121 -13.92 -7.99 2.06
C ASP A 121 -12.68 -7.36 2.72
N ILE A 122 -12.85 -6.46 3.67
CA ILE A 122 -11.73 -5.78 4.28
C ILE A 122 -10.99 -6.76 5.19
N ALA A 123 -11.64 -7.62 5.96
CA ALA A 123 -10.94 -8.56 6.84
C ALA A 123 -10.02 -9.47 6.01
N VAL A 124 -10.47 -9.93 4.85
CA VAL A 124 -9.64 -10.77 3.96
C VAL A 124 -8.45 -9.97 3.52
N GLN A 125 -8.59 -8.70 3.17
CA GLN A 125 -7.40 -7.88 2.81
C GLN A 125 -6.42 -7.85 3.98
N LEU A 126 -6.84 -7.76 5.24
CA LEU A 126 -5.89 -7.77 6.38
C LEU A 126 -5.20 -9.15 6.46
N VAL A 127 -5.95 -10.22 6.38
CA VAL A 127 -5.34 -11.58 6.50
C VAL A 127 -4.34 -11.73 5.36
N GLN A 128 -4.68 -11.36 4.12
CA GLN A 128 -3.72 -11.51 3.00
C GLN A 128 -2.49 -10.65 3.24
N LYS A 129 -2.56 -9.46 3.76
CA LYS A 129 -1.40 -8.62 4.04
C LYS A 129 -0.46 -9.39 4.95
N TRP A 130 -1.00 -9.94 6.03
CA TRP A 130 -0.17 -10.67 7.02
C TRP A 130 0.35 -11.98 6.46
N GLU A 131 -0.38 -12.68 5.64
CA GLU A 131 0.15 -13.90 5.00
C GLU A 131 1.34 -13.55 4.09
N ARG A 132 1.41 -12.35 3.55
CA ARG A 132 2.43 -11.95 2.55
C ARG A 132 3.65 -11.33 3.20
N LEU A 133 3.72 -11.20 4.53
CA LEU A 133 4.95 -10.67 5.17
C LEU A 133 6.05 -11.73 5.07
N ASN A 134 7.27 -11.22 4.99
CA ASN A 134 8.48 -12.09 5.02
C ASN A 134 8.82 -12.45 6.47
N ALA A 135 9.62 -13.50 6.62
CA ALA A 135 10.06 -14.02 7.96
C ALA A 135 10.65 -12.92 8.84
N ASP A 136 11.38 -11.97 8.29
CA ASP A 136 12.13 -10.99 9.14
C ASP A 136 11.28 -9.77 9.57
N GLU A 137 9.99 -9.74 9.21
CA GLU A 137 9.12 -8.56 9.38
C GLU A 137 8.21 -8.72 10.58
N HIS A 138 7.64 -7.62 10.98
CA HIS A 138 6.62 -7.62 12.06
C HIS A 138 5.41 -6.79 11.61
N ILE A 139 4.41 -6.85 12.43
CA ILE A 139 3.09 -6.17 12.32
C ILE A 139 3.06 -4.98 13.27
N GLU A 140 2.66 -3.82 12.70
CA GLU A 140 2.37 -2.59 13.46
C GLU A 140 0.85 -2.63 13.80
N VAL A 141 0.51 -3.06 15.01
CA VAL A 141 -0.88 -3.49 15.29
C VAL A 141 -1.88 -2.33 15.19
N PRO A 142 -1.78 -1.22 15.96
CA PRO A 142 -2.81 -0.18 15.87
C PRO A 142 -2.85 0.38 14.45
N GLU A 143 -1.73 0.49 13.76
CA GLU A 143 -1.72 0.99 12.36
C GLU A 143 -2.58 0.11 11.47
N ASP A 144 -2.39 -1.23 11.49
CA ASP A 144 -3.18 -2.12 10.62
C ASP A 144 -4.65 -2.20 11.07
N MET A 145 -4.91 -2.16 12.38
CA MET A 145 -6.32 -2.18 12.83
C MET A 145 -7.04 -0.91 12.35
N THR A 146 -6.36 0.22 12.37
CA THR A 146 -6.99 1.49 11.93
C THR A 146 -7.21 1.42 10.41
N ARG A 147 -6.28 0.89 9.62
CA ARG A 147 -6.52 0.70 8.18
C ARG A 147 -7.81 -0.10 8.01
N LEU A 148 -7.96 -1.20 8.74
CA LEU A 148 -9.13 -2.10 8.58
C LEU A 148 -10.42 -1.33 8.97
N THR A 149 -10.48 -0.73 10.15
CA THR A 149 -11.78 -0.19 10.64
C THR A 149 -12.17 1.01 9.79
N LEU A 150 -11.23 1.85 9.39
CA LEU A 150 -11.56 3.00 8.49
C LEU A 150 -12.15 2.42 7.21
N ASP A 151 -11.50 1.44 6.60
CA ASP A 151 -11.94 0.90 5.31
C ASP A 151 -13.31 0.26 5.41
N THR A 152 -13.60 -0.41 6.54
CA THR A 152 -14.91 -1.03 6.74
C THR A 152 -16.02 0.02 6.77
N ILE A 153 -15.79 1.12 7.50
CA ILE A 153 -16.87 2.14 7.59
C ILE A 153 -16.95 2.92 6.29
N GLY A 154 -15.87 3.05 5.54
CA GLY A 154 -16.04 3.69 4.22
C GLY A 154 -16.92 2.87 3.32
N LEU A 155 -16.73 1.56 3.28
CA LEU A 155 -17.50 0.70 2.36
C LEU A 155 -18.94 0.56 2.85
N CYS A 156 -19.19 0.33 4.15
CA CYS A 156 -20.57 0.24 4.71
C CYS A 156 -21.24 1.59 4.86
N GLY A 157 -20.52 2.65 5.03
CA GLY A 157 -21.09 4.00 5.20
C GLY A 157 -21.50 4.58 3.87
N PHE A 158 -20.70 4.46 2.82
CA PHE A 158 -21.02 5.17 1.55
C PHE A 158 -20.37 4.50 0.33
N ASN A 159 -20.05 3.22 0.39
CA ASN A 159 -19.59 2.47 -0.80
C ASN A 159 -18.33 3.12 -1.36
N TYR A 160 -17.44 3.59 -0.52
CA TYR A 160 -16.19 4.27 -0.91
C TYR A 160 -15.05 3.43 -0.39
N ARG A 161 -14.03 3.20 -1.25
CA ARG A 161 -12.82 2.46 -0.85
C ARG A 161 -11.72 3.41 -0.51
N PHE A 162 -11.36 3.54 0.76
CA PHE A 162 -10.16 4.29 1.19
C PHE A 162 -8.87 3.54 0.75
N ASN A 163 -8.96 2.26 0.49
CA ASN A 163 -7.77 1.52 0.00
C ASN A 163 -6.58 1.74 0.94
N SER A 164 -6.80 1.61 2.26
CA SER A 164 -5.77 1.90 3.24
C SER A 164 -4.64 0.83 3.18
N PHE A 165 -4.90 -0.38 2.68
CA PHE A 165 -3.81 -1.41 2.60
C PHE A 165 -2.95 -1.15 1.37
N TYR A 166 -3.24 -0.18 0.52
CA TYR A 166 -2.47 0.16 -0.71
C TYR A 166 -1.61 1.40 -0.47
N ARG A 167 -1.53 1.96 0.73
CA ARG A 167 -0.74 3.21 0.91
C ARG A 167 -0.17 3.25 2.33
N ASP A 168 0.88 4.05 2.46
CA ASP A 168 1.53 4.40 3.74
C ASP A 168 1.12 5.83 4.11
N GLN A 169 0.61 6.63 3.16
CA GLN A 169 0.22 8.05 3.42
C GLN A 169 -1.30 8.17 3.44
N PRO A 170 -1.88 8.86 4.45
CA PRO A 170 -3.33 8.97 4.56
C PRO A 170 -3.95 9.64 3.34
N HIS A 171 -5.20 9.27 3.09
CA HIS A 171 -6.13 10.03 2.25
C HIS A 171 -6.21 11.47 2.75
N PRO A 172 -6.32 12.48 1.85
CA PRO A 172 -6.51 13.88 2.27
C PRO A 172 -7.61 14.14 3.30
N PHE A 173 -8.75 13.47 3.18
CA PHE A 173 -9.84 13.57 4.15
C PHE A 173 -9.27 13.23 5.55
N ILE A 174 -8.55 12.14 5.63
CA ILE A 174 -8.10 11.58 6.94
C ILE A 174 -7.01 12.50 7.53
N THR A 175 -6.06 12.99 6.72
CA THR A 175 -5.08 13.98 7.26
C THR A 175 -5.85 15.11 7.91
N SER A 176 -6.84 15.65 7.24
CA SER A 176 -7.64 16.77 7.76
C SER A 176 -8.42 16.34 9.02
N MET A 177 -9.02 15.14 8.97
CA MET A 177 -9.86 14.71 10.13
C MET A 177 -8.98 14.51 11.39
N VAL A 178 -7.87 13.85 11.22
CA VAL A 178 -6.94 13.59 12.36
C VAL A 178 -6.43 14.93 12.94
N ARG A 179 -6.04 15.86 12.06
CA ARG A 179 -5.54 17.17 12.49
C ARG A 179 -6.64 17.98 13.17
N ALA A 180 -7.87 17.93 12.66
CA ALA A 180 -9.01 18.63 13.29
C ALA A 180 -9.32 18.02 14.68
N LEU A 181 -9.35 16.69 14.78
CA LEU A 181 -9.55 16.04 16.09
C LEU A 181 -8.43 16.46 17.07
N ASP A 182 -7.18 16.56 16.60
CA ASP A 182 -6.07 16.94 17.51
C ASP A 182 -6.30 18.37 18.00
N GLU A 183 -6.62 19.28 17.10
CA GLU A 183 -6.88 20.67 17.49
C GLU A 183 -8.04 20.72 18.49
N ALA A 184 -9.17 20.05 18.24
CA ALA A 184 -10.30 20.08 19.17
C ALA A 184 -9.92 19.53 20.53
N MET A 185 -9.13 18.47 20.57
CA MET A 185 -8.76 17.82 21.86
C MET A 185 -7.79 18.77 22.59
N ASN A 186 -7.05 19.67 21.91
CA ASN A 186 -6.01 20.54 22.52
C ASN A 186 -6.58 21.87 22.97
N LYS A 187 -7.73 22.29 22.48
CA LYS A 187 -8.27 23.64 22.77
C LYS A 187 -8.65 23.79 24.26
N PRO A 188 -9.25 22.81 24.95
CA PRO A 188 -9.65 23.07 26.32
C PRO A 188 -8.52 23.36 27.31
N GLN A 189 -7.29 22.99 27.00
CA GLN A 189 -6.15 23.24 27.96
C GLN A 189 -5.65 24.68 27.81
N ARG A 190 -6.11 25.47 26.84
CA ARG A 190 -5.56 26.85 26.61
C ARG A 190 -6.20 27.89 27.55
N ALA A 191 -5.38 28.48 28.42
CA ALA A 191 -5.81 29.59 29.34
C ALA A 191 -6.21 30.84 28.54
N ASN A 192 -5.52 31.18 27.45
CA ASN A 192 -5.85 32.36 26.60
C ASN A 192 -5.97 31.91 25.15
N PRO A 193 -7.17 31.45 24.78
CA PRO A 193 -7.43 30.95 23.44
C PRO A 193 -7.24 31.98 22.31
N ASP A 194 -7.25 33.27 22.64
CA ASP A 194 -7.09 34.32 21.60
C ASP A 194 -5.63 34.78 21.52
N ASP A 195 -4.71 34.15 22.25
CA ASP A 195 -3.25 34.44 22.10
C ASP A 195 -2.89 34.33 20.61
N PRO A 196 -2.15 35.28 20.01
CA PRO A 196 -1.75 35.17 18.61
C PRO A 196 -0.89 33.92 18.30
N ALA A 197 -0.34 33.27 19.32
CA ALA A 197 0.39 31.99 19.22
C ALA A 197 -0.52 30.90 18.61
N TYR A 198 -1.85 31.06 18.70
CA TYR A 198 -2.83 30.06 18.20
C TYR A 198 -3.42 30.48 16.86
N ASP A 199 -2.96 31.56 16.24
CA ASP A 199 -3.56 32.01 14.97
C ASP A 199 -3.35 30.95 13.88
N GLU A 200 -2.18 30.35 13.77
CA GLU A 200 -1.90 29.36 12.71
C GLU A 200 -2.79 28.12 12.98
N ASN A 201 -2.93 27.72 14.22
CA ASN A 201 -3.80 26.56 14.60
C ASN A 201 -5.19 26.83 14.05
N LYS A 202 -5.71 28.05 14.25
CA LYS A 202 -7.09 28.44 13.87
C LYS A 202 -7.24 28.42 12.34
N ARG A 203 -6.24 28.94 11.61
N ARG A 203 -6.25 28.94 11.60
CA ARG A 203 -6.29 28.95 10.12
CA ARG A 203 -6.28 28.94 10.12
C ARG A 203 -6.32 27.51 9.61
C ARG A 203 -6.34 27.49 9.63
N GLN A 204 -5.47 26.63 10.18
CA GLN A 204 -5.37 25.23 9.73
C GLN A 204 -6.68 24.48 10.07
N PHE A 205 -7.27 24.79 11.19
CA PHE A 205 -8.56 24.16 11.62
C PHE A 205 -9.63 24.48 10.56
N GLN A 206 -9.77 25.74 10.19
CA GLN A 206 -10.79 26.15 9.20
C GLN A 206 -10.51 25.47 7.89
N GLU A 207 -9.26 25.34 7.51
CA GLU A 207 -8.86 24.67 6.26
C GLU A 207 -9.27 23.19 6.30
N ASP A 208 -9.04 22.52 7.43
CA ASP A 208 -9.34 21.07 7.57
C ASP A 208 -10.85 20.85 7.55
N ILE A 209 -11.61 21.72 8.16
CA ILE A 209 -13.11 21.65 8.14
C ILE A 209 -13.57 21.78 6.68
N LYS A 210 -13.04 22.78 5.94
CA LYS A 210 -13.39 22.96 4.52
C LYS A 210 -13.06 21.72 3.71
N VAL A 211 -11.92 21.04 3.88
CA VAL A 211 -11.53 19.82 3.15
C VAL A 211 -12.58 18.72 3.43
N MET A 212 -12.90 18.52 4.70
CA MET A 212 -13.83 17.42 5.04
C MET A 212 -15.22 17.75 4.42
N ASN A 213 -15.71 18.97 4.53
CA ASN A 213 -17.06 19.40 4.04
C ASN A 213 -17.13 19.28 2.52
N ASP A 214 -16.07 19.72 1.84
CA ASP A 214 -16.03 19.66 0.36
C ASP A 214 -16.06 18.21 -0.11
N LEU A 215 -15.32 17.32 0.51
N LEU A 215 -15.26 17.24 0.41
CA LEU A 215 -15.22 15.94 0.05
CA LEU A 215 -15.27 15.82 -0.04
C LEU A 215 -16.51 15.11 0.33
C LEU A 215 -16.62 15.15 0.28
N VAL A 216 -17.07 15.25 1.53
CA VAL A 216 -18.32 14.49 1.84
C VAL A 216 -19.52 15.10 1.06
N ASP A 217 -19.58 16.42 0.92
CA ASP A 217 -20.67 17.09 0.12
C ASP A 217 -20.64 16.56 -1.32
N LYS A 218 -19.45 16.29 -1.85
CA LYS A 218 -19.33 15.77 -3.24
C LYS A 218 -19.84 14.33 -3.30
N ILE A 219 -19.46 13.49 -2.34
CA ILE A 219 -19.95 12.10 -2.26
C ILE A 219 -21.50 12.09 -2.29
N ILE A 220 -22.11 12.93 -1.44
CA ILE A 220 -23.59 12.97 -1.35
C ILE A 220 -24.19 13.45 -2.69
N ALA A 221 -23.63 14.52 -3.24
CA ALA A 221 -24.19 15.06 -4.50
C ALA A 221 -24.03 14.05 -5.64
N ASP A 222 -22.93 13.32 -5.67
CA ASP A 222 -22.67 12.30 -6.71
C ASP A 222 -23.68 11.18 -6.61
N ARG A 223 -23.95 10.69 -5.36
CA ARG A 223 -24.92 9.62 -5.21
C ARG A 223 -26.34 10.07 -5.59
N LYS A 224 -26.76 11.26 -5.19
CA LYS A 224 -28.11 11.76 -5.56
C LYS A 224 -28.22 11.87 -7.10
N ALA A 225 -27.17 12.28 -7.76
CA ALA A 225 -27.20 12.41 -9.25
C ALA A 225 -27.35 11.04 -9.90
N SER A 226 -26.62 10.02 -9.44
CA SER A 226 -26.54 8.70 -10.10
C SER A 226 -27.84 7.91 -9.91
N GLY A 227 -28.56 8.13 -8.81
CA GLY A 227 -29.72 7.30 -8.40
C GLY A 227 -29.33 5.93 -7.88
N GLU A 228 -28.05 5.60 -7.78
CA GLU A 228 -27.60 4.24 -7.42
C GLU A 228 -28.15 3.91 -6.01
N GLN A 229 -28.67 2.69 -5.81
CA GLN A 229 -29.31 2.22 -4.54
C GLN A 229 -28.48 1.14 -3.83
N SER A 230 -27.21 1.38 -3.51
CA SER A 230 -26.34 0.41 -2.79
C SER A 230 -26.83 0.21 -1.36
N ASP A 231 -26.44 -0.86 -0.69
CA ASP A 231 -27.00 -1.20 0.65
C ASP A 231 -26.02 -0.63 1.69
N ASP A 232 -25.92 0.70 1.70
CA ASP A 232 -25.03 1.41 2.64
C ASP A 232 -25.87 2.42 3.42
N LEU A 233 -25.23 3.01 4.43
CA LEU A 233 -25.88 4.00 5.32
C LEU A 233 -26.31 5.21 4.53
N LEU A 234 -25.53 5.66 3.53
CA LEU A 234 -25.92 6.81 2.70
C LEU A 234 -27.26 6.55 1.98
N THR A 235 -27.44 5.38 1.36
CA THR A 235 -28.75 5.09 0.70
C THR A 235 -29.84 5.17 1.76
N HIS A 236 -29.60 4.55 2.93
CA HIS A 236 -30.65 4.57 3.98
C HIS A 236 -30.98 6.01 4.35
N MET A 237 -30.01 6.92 4.49
CA MET A 237 -30.27 8.30 4.89
C MET A 237 -30.93 9.10 3.77
N LEU A 238 -30.62 8.81 2.50
CA LEU A 238 -31.30 9.50 1.38
C LEU A 238 -32.76 9.03 1.29
N ASN A 239 -33.09 7.82 1.66
CA ASN A 239 -34.46 7.26 1.45
C ASN A 239 -35.30 7.27 2.73
N GLY A 240 -34.73 7.48 3.90
CA GLY A 240 -35.46 7.25 5.15
C GLY A 240 -36.30 8.45 5.52
N LYS A 241 -37.35 8.18 6.27
CA LYS A 241 -38.19 9.24 6.83
C LYS A 241 -38.43 8.92 8.29
N ASP A 242 -38.35 9.95 9.12
CA ASP A 242 -38.62 9.83 10.56
C ASP A 242 -40.10 9.62 10.74
N PRO A 243 -40.60 8.55 11.35
CA PRO A 243 -42.05 8.44 11.56
C PRO A 243 -42.64 9.58 12.40
N GLU A 244 -41.91 10.23 13.30
CA GLU A 244 -42.50 11.26 14.18
C GLU A 244 -42.71 12.52 13.35
N THR A 245 -41.64 13.14 12.85
CA THR A 245 -41.75 14.41 12.08
C THR A 245 -42.31 14.13 10.68
N GLY A 246 -42.15 12.95 10.15
CA GLY A 246 -42.46 12.60 8.77
C GLY A 246 -41.40 13.10 7.80
N GLU A 247 -40.29 13.65 8.31
CA GLU A 247 -39.28 14.30 7.45
C GLU A 247 -38.06 13.39 7.24
N PRO A 248 -37.37 13.52 6.09
CA PRO A 248 -36.06 12.94 5.86
C PRO A 248 -34.97 13.88 6.42
N LEU A 249 -33.75 13.34 6.55
CA LEU A 249 -32.60 14.20 6.91
C LEU A 249 -32.26 15.08 5.71
N ASP A 250 -31.82 16.31 5.96
CA ASP A 250 -31.34 17.17 4.86
C ASP A 250 -29.87 16.87 4.55
N ASP A 251 -29.38 17.36 3.42
CA ASP A 251 -28.02 16.97 2.96
C ASP A 251 -26.96 17.48 3.94
N GLU A 252 -27.11 18.62 4.58
CA GLU A 252 -26.12 19.10 5.58
C GLU A 252 -26.08 18.10 6.74
N ASN A 253 -27.23 17.70 7.26
CA ASN A 253 -27.21 16.73 8.41
C ASN A 253 -26.62 15.41 7.92
N ILE A 254 -26.93 14.91 6.73
CA ILE A 254 -26.32 13.66 6.23
C ILE A 254 -24.78 13.80 6.26
N ARG A 255 -24.27 14.95 5.83
CA ARG A 255 -22.79 15.17 5.83
C ARG A 255 -22.26 15.02 7.28
N TYR A 256 -22.92 15.65 8.25
CA TYR A 256 -22.46 15.52 9.64
C TYR A 256 -22.53 14.07 10.10
N GLN A 257 -23.53 13.29 9.75
CA GLN A 257 -23.59 11.89 10.15
C GLN A 257 -22.42 11.12 9.56
N ILE A 258 -22.11 11.36 8.28
CA ILE A 258 -21.00 10.62 7.63
C ILE A 258 -19.67 10.96 8.29
N ILE A 259 -19.45 12.25 8.55
CA ILE A 259 -18.22 12.68 9.27
C ILE A 259 -18.14 11.94 10.62
N THR A 260 -19.27 11.91 11.33
CA THR A 260 -19.34 11.24 12.65
C THR A 260 -18.99 9.75 12.51
N PHE A 261 -19.52 9.05 11.52
CA PHE A 261 -19.26 7.61 11.35
C PHE A 261 -17.79 7.38 10.99
N LEU A 262 -17.18 8.28 10.22
CA LEU A 262 -15.74 8.14 9.87
C LEU A 262 -14.89 8.38 11.09
N ILE A 263 -15.22 9.33 11.95
CA ILE A 263 -14.49 9.53 13.21
C ILE A 263 -14.58 8.24 14.01
N ALA A 264 -15.77 7.67 14.19
CA ALA A 264 -15.94 6.45 15.02
C ALA A 264 -15.17 5.28 14.42
N GLY A 265 -15.28 5.07 13.13
CA GLY A 265 -14.61 3.89 12.51
C GLY A 265 -13.11 4.00 12.65
N HIS A 266 -12.55 5.21 12.47
CA HIS A 266 -11.10 5.47 12.60
C HIS A 266 -10.62 5.30 14.04
N GLU A 267 -11.38 5.78 15.01
CA GLU A 267 -10.87 5.97 16.37
C GLU A 267 -11.19 4.82 17.30
N THR A 268 -12.38 4.20 17.25
CA THR A 268 -12.86 3.37 18.38
C THR A 268 -12.63 1.88 18.17
N THR A 269 -13.22 1.26 17.16
CA THR A 269 -13.12 -0.20 16.97
C THR A 269 -11.65 -0.60 16.84
N SER A 270 -10.82 0.25 16.20
CA SER A 270 -9.39 -0.09 16.03
C SER A 270 -8.68 -0.13 17.38
N GLY A 271 -9.04 0.73 18.31
CA GLY A 271 -8.48 0.67 19.64
C GLY A 271 -8.86 -0.62 20.31
N LEU A 272 -10.13 -1.00 20.29
CA LEU A 272 -10.59 -2.27 20.89
C LEU A 272 -9.79 -3.44 20.31
N LEU A 273 -9.69 -3.56 19.00
CA LEU A 273 -8.95 -4.70 18.43
C LEU A 273 -7.50 -4.72 18.88
N SER A 274 -6.89 -3.54 18.97
CA SER A 274 -5.48 -3.43 19.38
C SER A 274 -5.28 -3.85 20.83
N PHE A 275 -6.12 -3.38 21.75
CA PHE A 275 -6.08 -3.81 23.15
C PHE A 275 -6.39 -5.30 23.27
N ALA A 276 -7.34 -5.82 22.53
CA ALA A 276 -7.63 -7.26 22.61
C ALA A 276 -6.40 -8.07 22.20
N LEU A 277 -5.73 -7.72 21.14
CA LEU A 277 -4.54 -8.49 20.72
C LEU A 277 -3.45 -8.34 21.79
N TYR A 278 -3.26 -7.16 22.38
CA TYR A 278 -2.30 -6.93 23.49
C TYR A 278 -2.61 -7.92 24.60
N PHE A 279 -3.82 -7.96 25.10
CA PHE A 279 -4.13 -8.86 26.24
C PHE A 279 -3.99 -10.32 25.83
N LEU A 280 -4.28 -10.70 24.60
CA LEU A 280 -4.11 -12.11 24.18
C LEU A 280 -2.63 -12.48 24.19
N VAL A 281 -1.71 -11.67 23.68
CA VAL A 281 -0.29 -12.09 23.63
C VAL A 281 0.28 -12.04 25.03
N LYS A 282 -0.26 -11.28 25.95
CA LYS A 282 0.20 -11.27 27.36
C LYS A 282 -0.42 -12.37 28.19
N ASN A 283 -1.41 -13.10 27.67
CA ASN A 283 -2.13 -14.09 28.46
C ASN A 283 -2.31 -15.32 27.57
N PRO A 284 -1.27 -16.12 27.34
CA PRO A 284 -1.35 -17.20 26.37
C PRO A 284 -2.39 -18.28 26.65
N HIS A 285 -2.80 -18.53 27.90
CA HIS A 285 -3.92 -19.48 28.11
C HIS A 285 -5.22 -18.95 27.48
N VAL A 286 -5.47 -17.65 27.61
CA VAL A 286 -6.64 -17.02 26.96
C VAL A 286 -6.49 -17.12 25.45
N LEU A 287 -5.34 -16.80 24.90
CA LEU A 287 -5.12 -16.90 23.45
C LEU A 287 -5.47 -18.32 23.00
N GLN A 288 -4.98 -19.34 23.70
CA GLN A 288 -5.25 -20.73 23.28
C GLN A 288 -6.75 -21.02 23.27
N LYS A 289 -7.49 -20.62 24.28
CA LYS A 289 -8.92 -20.87 24.39
C LYS A 289 -9.68 -20.15 23.27
N ALA A 290 -9.29 -18.92 22.97
CA ALA A 290 -9.93 -18.15 21.87
C ALA A 290 -9.56 -18.77 20.53
N ALA A 291 -8.32 -19.17 20.32
CA ALA A 291 -7.90 -19.80 19.06
C ALA A 291 -8.62 -21.14 18.83
N GLU A 292 -8.87 -21.90 19.92
N GLU A 292 -8.87 -21.91 19.92
CA GLU A 292 -9.59 -23.19 19.80
CA GLU A 292 -9.60 -23.19 19.77
C GLU A 292 -11.02 -22.92 19.29
C GLU A 292 -11.02 -22.90 19.27
N GLU A 293 -11.66 -21.90 19.82
CA GLU A 293 -13.03 -21.54 19.39
C GLU A 293 -13.00 -21.12 17.93
N ALA A 294 -12.08 -20.26 17.54
CA ALA A 294 -12.03 -19.79 16.15
C ALA A 294 -11.88 -20.98 15.22
N ALA A 295 -10.96 -21.92 15.54
CA ALA A 295 -10.74 -23.12 14.68
C ALA A 295 -12.00 -23.96 14.60
N ARG A 296 -12.70 -24.17 15.69
CA ARG A 296 -13.88 -25.08 15.68
C ARG A 296 -15.08 -24.43 14.98
N VAL A 297 -15.25 -23.13 15.10
CA VAL A 297 -16.46 -22.45 14.57
C VAL A 297 -16.25 -22.04 13.12
N LEU A 298 -15.10 -21.46 12.76
CA LEU A 298 -14.90 -20.83 11.43
C LEU A 298 -14.41 -21.91 10.45
N VAL A 299 -15.30 -22.81 10.09
CA VAL A 299 -14.91 -24.03 9.31
C VAL A 299 -14.89 -23.79 7.81
N ASP A 300 -15.32 -22.62 7.34
CA ASP A 300 -15.32 -22.29 5.90
C ASP A 300 -14.28 -21.22 5.58
N PRO A 301 -13.79 -21.17 4.34
CA PRO A 301 -12.76 -20.19 3.98
C PRO A 301 -13.23 -18.74 4.19
N VAL A 302 -14.53 -18.49 4.01
CA VAL A 302 -15.21 -17.18 4.20
C VAL A 302 -16.11 -17.33 5.42
N PRO A 303 -15.92 -16.60 6.54
CA PRO A 303 -16.89 -16.68 7.64
C PRO A 303 -18.30 -16.21 7.26
N SER A 304 -19.31 -16.87 7.79
CA SER A 304 -20.70 -16.42 7.64
C SER A 304 -21.16 -15.57 8.83
N TYR A 305 -22.24 -14.84 8.69
CA TYR A 305 -22.85 -14.10 9.81
C TYR A 305 -23.15 -15.05 10.98
N LYS A 306 -23.78 -16.19 10.69
CA LYS A 306 -24.20 -17.15 11.73
C LYS A 306 -22.98 -17.69 12.47
N GLN A 307 -21.87 -17.89 11.79
CA GLN A 307 -20.65 -18.37 12.49
C GLN A 307 -20.08 -17.30 13.41
N VAL A 308 -20.09 -16.04 12.99
CA VAL A 308 -19.57 -14.96 13.87
C VAL A 308 -20.39 -14.95 15.16
N LYS A 309 -21.69 -15.14 15.08
CA LYS A 309 -22.56 -15.17 16.29
C LYS A 309 -22.15 -16.29 17.27
N GLN A 310 -21.54 -17.35 16.80
CA GLN A 310 -21.15 -18.48 17.64
C GLN A 310 -19.83 -18.25 18.34
N LEU A 311 -19.12 -17.14 18.07
CA LEU A 311 -17.78 -16.88 18.68
C LEU A 311 -17.97 -16.29 20.07
N LYS A 312 -18.54 -17.03 21.00
CA LYS A 312 -18.86 -16.57 22.36
C LYS A 312 -17.60 -16.13 23.09
N TYR A 313 -16.57 -16.95 23.14
CA TYR A 313 -15.34 -16.63 23.92
C TYR A 313 -14.60 -15.45 23.27
N VAL A 314 -14.59 -15.36 21.95
CA VAL A 314 -14.00 -14.14 21.29
C VAL A 314 -14.77 -12.93 21.79
N GLY A 315 -16.09 -12.99 21.90
CA GLY A 315 -16.86 -11.86 22.44
C GLY A 315 -16.50 -11.55 23.89
N MET A 316 -16.26 -12.57 24.71
CA MET A 316 -15.83 -12.40 26.13
C MET A 316 -14.46 -11.72 26.17
N VAL A 317 -13.54 -12.09 25.30
CA VAL A 317 -12.23 -11.41 25.20
C VAL A 317 -12.46 -9.94 24.91
N LEU A 318 -13.32 -9.62 23.95
CA LEU A 318 -13.52 -8.20 23.57
C LEU A 318 -14.15 -7.47 24.73
N ASN A 319 -15.13 -8.01 25.44
CA ASN A 319 -15.73 -7.33 26.60
C ASN A 319 -14.69 -7.10 27.69
N GLU A 320 -13.79 -8.04 27.93
CA GLU A 320 -12.79 -7.89 29.00
C GLU A 320 -11.76 -6.86 28.58
N ALA A 321 -11.42 -6.72 27.29
CA ALA A 321 -10.58 -5.62 26.84
C ALA A 321 -11.29 -4.27 27.05
N LEU A 322 -12.55 -4.19 26.73
CA LEU A 322 -13.35 -2.95 26.97
C LEU A 322 -13.43 -2.65 28.46
N ARG A 323 -13.42 -3.66 29.32
CA ARG A 323 -13.49 -3.43 30.77
C ARG A 323 -12.22 -2.70 31.17
N LEU A 324 -11.06 -3.27 30.86
CA LEU A 324 -9.80 -2.65 31.37
C LEU A 324 -9.46 -1.37 30.62
N TRP A 325 -9.64 -1.29 29.31
CA TRP A 325 -9.26 -0.08 28.54
C TRP A 325 -10.38 0.30 27.62
N PRO A 326 -11.47 0.85 28.17
CA PRO A 326 -12.59 1.29 27.35
C PRO A 326 -12.09 2.35 26.37
N THR A 327 -12.11 2.06 25.08
CA THR A 327 -11.36 2.86 24.10
C THR A 327 -12.00 4.24 23.94
N ALA A 328 -13.29 4.42 24.21
CA ALA A 328 -13.92 5.73 24.41
C ALA A 328 -14.10 5.92 25.92
N PRO A 329 -13.24 6.69 26.59
CA PRO A 329 -13.11 6.43 28.03
C PRO A 329 -13.89 7.31 28.96
N ALA A 330 -14.71 8.19 28.42
CA ALA A 330 -15.49 9.13 29.27
C ALA A 330 -16.75 9.53 28.53
N PHE A 331 -17.74 9.94 29.29
CA PHE A 331 -18.92 10.64 28.77
C PHE A 331 -19.46 11.58 29.82
N SER A 332 -20.11 12.64 29.40
CA SER A 332 -20.48 13.79 30.25
C SER A 332 -21.99 13.87 30.40
N LEU A 333 -22.47 14.31 31.57
CA LEU A 333 -23.89 14.51 31.90
C LEU A 333 -24.06 15.88 32.52
N TYR A 334 -25.29 16.41 32.45
CA TYR A 334 -25.69 17.63 33.20
C TYR A 334 -26.93 17.30 34.02
N ALA A 335 -27.00 17.98 35.17
CA ALA A 335 -28.18 17.89 36.05
C ALA A 335 -29.37 18.62 35.43
N LYS A 336 -30.47 17.92 35.24
CA LYS A 336 -31.69 18.55 34.65
C LYS A 336 -32.33 19.55 35.63
N GLU A 337 -32.18 19.29 36.94
CA GLU A 337 -32.75 20.16 38.00
C GLU A 337 -31.76 20.15 39.17
N ASP A 338 -31.91 21.07 40.12
CA ASP A 338 -31.19 20.92 41.40
C ASP A 338 -31.52 19.54 41.99
N THR A 339 -30.49 18.88 42.52
CA THR A 339 -30.65 17.51 43.08
C THR A 339 -29.46 17.25 44.00
N VAL A 340 -29.50 16.13 44.70
CA VAL A 340 -28.40 15.69 45.58
C VAL A 340 -27.91 14.35 45.08
N LEU A 341 -26.62 14.26 44.79
CA LEU A 341 -25.99 13.04 44.29
C LEU A 341 -25.55 12.20 45.50
N GLY A 342 -26.01 10.96 45.57
CA GLY A 342 -25.54 9.96 46.55
C GLY A 342 -25.89 10.34 47.99
N GLY A 343 -26.92 11.16 48.17
CA GLY A 343 -27.30 11.73 49.49
C GLY A 343 -26.28 12.67 50.12
N GLU A 344 -25.21 13.07 49.42
CA GLU A 344 -24.01 13.74 50.00
C GLU A 344 -23.59 14.99 49.21
N TYR A 345 -23.78 15.03 47.88
CA TYR A 345 -23.15 16.10 47.05
C TYR A 345 -24.24 16.91 46.35
N PRO A 346 -24.60 18.11 46.83
CA PRO A 346 -25.66 18.90 46.20
C PRO A 346 -25.15 19.42 44.85
N LEU A 347 -26.06 19.37 43.85
CA LEU A 347 -25.82 19.90 42.50
C LEU A 347 -26.90 20.92 42.15
N GLU A 348 -26.50 21.95 41.41
CA GLU A 348 -27.41 22.92 40.78
C GLU A 348 -27.82 22.42 39.38
N LYS A 349 -29.05 22.75 38.97
CA LYS A 349 -29.44 22.65 37.54
C LYS A 349 -28.29 23.13 36.67
N GLY A 350 -27.92 22.30 35.66
CA GLY A 350 -26.88 22.64 34.70
C GLY A 350 -25.50 22.17 35.11
N ASP A 351 -25.33 21.70 36.36
CA ASP A 351 -23.95 21.30 36.78
C ASP A 351 -23.48 20.10 35.91
N GLU A 352 -22.22 20.13 35.51
CA GLU A 352 -21.61 19.12 34.60
C GLU A 352 -20.88 18.04 35.40
N LEU A 353 -21.07 16.80 34.98
CA LEU A 353 -20.43 15.58 35.52
C LEU A 353 -19.66 14.90 34.39
N MET A 354 -18.55 14.27 34.72
CA MET A 354 -17.84 13.42 33.72
C MET A 354 -17.67 12.04 34.33
N VAL A 355 -18.11 11.01 33.62
CA VAL A 355 -17.94 9.60 34.04
C VAL A 355 -16.59 9.11 33.52
N LEU A 356 -15.72 8.65 34.42
CA LEU A 356 -14.42 8.07 34.03
C LEU A 356 -14.63 6.56 33.91
N ILE A 357 -14.91 6.09 32.72
CA ILE A 357 -15.26 4.66 32.52
C ILE A 357 -14.12 3.72 32.98
N PRO A 358 -12.83 4.00 32.78
CA PRO A 358 -11.81 3.06 33.27
C PRO A 358 -11.89 2.89 34.78
N GLN A 359 -12.29 3.91 35.52
CA GLN A 359 -12.41 3.78 37.01
C GLN A 359 -13.67 3.05 37.38
N LEU A 360 -14.81 3.27 36.76
CA LEU A 360 -16.02 2.48 36.98
C LEU A 360 -15.64 0.99 36.86
N HIS A 361 -14.90 0.65 35.81
CA HIS A 361 -14.57 -0.74 35.47
C HIS A 361 -13.52 -1.34 36.41
N ARG A 362 -12.99 -0.53 37.35
CA ARG A 362 -12.02 -0.97 38.40
C ARG A 362 -12.68 -0.81 39.76
N ASP A 363 -13.97 -0.64 39.90
CA ASP A 363 -14.62 -0.46 41.24
C ASP A 363 -14.68 -1.81 41.95
N LYS A 364 -13.81 -2.03 42.93
CA LYS A 364 -13.74 -3.36 43.61
C LYS A 364 -15.00 -3.66 44.37
N THR A 365 -15.85 -2.71 44.73
CA THR A 365 -17.12 -3.03 45.42
C THR A 365 -18.04 -3.82 44.48
N ILE A 366 -17.80 -3.82 43.15
CA ILE A 366 -18.58 -4.57 42.11
C ILE A 366 -17.80 -5.76 41.57
N TRP A 367 -16.60 -5.54 41.13
CA TRP A 367 -15.87 -6.52 40.32
C TRP A 367 -15.10 -7.46 41.24
N GLY A 368 -15.18 -7.18 42.55
CA GLY A 368 -14.39 -7.95 43.53
C GLY A 368 -12.94 -7.53 43.43
N ASP A 369 -12.02 -8.27 44.05
CA ASP A 369 -10.67 -7.75 44.34
C ASP A 369 -9.72 -7.85 43.14
N ASP A 370 -10.03 -8.66 42.11
CA ASP A 370 -9.04 -9.01 41.05
C ASP A 370 -9.18 -8.08 39.82
N VAL A 371 -9.52 -6.80 40.01
CA VAL A 371 -9.93 -5.94 38.87
C VAL A 371 -8.80 -5.74 37.87
N GLU A 372 -7.50 -5.78 38.18
CA GLU A 372 -6.43 -5.48 37.19
C GLU A 372 -6.06 -6.70 36.35
N GLU A 373 -6.64 -7.84 36.67
CA GLU A 373 -6.39 -9.09 35.92
C GLU A 373 -7.28 -9.17 34.67
N PHE A 374 -6.70 -9.70 33.61
CA PHE A 374 -7.43 -9.95 32.33
C PHE A 374 -8.06 -11.35 32.39
N ARG A 375 -9.36 -11.46 32.62
CA ARG A 375 -10.07 -12.73 32.85
C ARG A 375 -11.37 -12.68 32.07
N PRO A 376 -11.37 -13.12 30.80
CA PRO A 376 -12.62 -13.10 30.00
C PRO A 376 -13.77 -13.91 30.63
N GLU A 377 -13.41 -14.88 31.49
CA GLU A 377 -14.42 -15.73 32.15
C GLU A 377 -15.33 -14.93 33.07
N ARG A 378 -14.97 -13.70 33.44
CA ARG A 378 -15.90 -12.80 34.18
C ARG A 378 -17.19 -12.60 33.40
N PHE A 379 -17.15 -12.71 32.07
CA PHE A 379 -18.28 -12.46 31.16
C PHE A 379 -18.92 -13.76 30.69
N GLU A 380 -18.57 -14.90 31.29
CA GLU A 380 -19.04 -16.24 30.83
C GLU A 380 -20.56 -16.28 30.94
N ASN A 381 -21.12 -15.69 31.99
CA ASN A 381 -22.59 -15.63 32.12
C ASN A 381 -22.98 -14.17 32.19
N PRO A 382 -23.57 -13.62 31.11
CA PRO A 382 -23.91 -12.20 31.10
C PRO A 382 -24.81 -11.75 32.27
N SER A 383 -25.61 -12.66 32.83
CA SER A 383 -26.50 -12.37 33.99
C SER A 383 -25.68 -12.13 35.28
N ALA A 384 -24.39 -12.45 35.31
CA ALA A 384 -23.50 -12.20 36.48
C ALA A 384 -23.09 -10.72 36.58
N ILE A 385 -23.13 -9.93 35.49
CA ILE A 385 -22.70 -8.50 35.53
C ILE A 385 -23.77 -7.59 36.14
N PRO A 386 -23.50 -6.85 37.24
CA PRO A 386 -24.51 -5.94 37.82
C PRO A 386 -24.88 -4.74 36.94
N GLN A 387 -26.10 -4.21 37.08
CA GLN A 387 -26.60 -3.09 36.28
C GLN A 387 -25.67 -1.89 36.53
N HIS A 388 -25.36 -1.16 35.47
CA HIS A 388 -24.56 0.07 35.50
C HIS A 388 -23.11 -0.19 35.98
N ALA A 389 -22.59 -1.41 36.05
CA ALA A 389 -21.16 -1.62 36.37
C ALA A 389 -20.23 -1.53 35.13
N PHE A 390 -20.84 -1.78 33.95
CA PHE A 390 -20.06 -1.99 32.70
C PHE A 390 -20.67 -1.09 31.62
N LYS A 391 -19.96 -0.03 31.27
CA LYS A 391 -20.56 1.01 30.40
C LYS A 391 -19.63 1.47 29.28
N PRO A 392 -18.96 0.56 28.56
CA PRO A 392 -18.10 0.99 27.48
C PRO A 392 -18.78 1.66 26.28
N PHE A 393 -20.10 1.50 26.16
CA PHE A 393 -20.87 2.15 25.05
C PHE A 393 -21.76 3.25 25.59
N GLY A 394 -21.50 3.78 26.79
CA GLY A 394 -22.32 4.89 27.27
C GLY A 394 -23.59 4.44 27.91
N ASN A 395 -24.58 5.32 27.95
CA ASN A 395 -25.81 5.11 28.75
C ASN A 395 -27.08 5.50 28.03
N GLY A 396 -28.10 4.65 28.17
CA GLY A 396 -29.49 5.02 27.89
C GLY A 396 -29.72 5.36 26.41
N GLN A 397 -30.59 6.31 26.16
CA GLN A 397 -30.96 6.67 24.77
C GLN A 397 -29.78 7.29 24.04
N ARG A 398 -28.80 7.83 24.78
CA ARG A 398 -27.57 8.42 24.23
C ARG A 398 -26.42 7.42 24.23
N ALA A 399 -26.70 6.12 24.36
CA ALA A 399 -25.64 5.10 24.21
C ALA A 399 -25.24 4.97 22.75
N CYS A 400 -24.11 4.35 22.50
CA CYS A 400 -23.50 4.20 21.16
C CYS A 400 -24.48 3.54 20.22
N ILE A 401 -24.81 4.21 19.12
CA ILE A 401 -25.68 3.56 18.09
C ILE A 401 -24.93 2.48 17.36
N GLY A 402 -23.61 2.58 17.32
CA GLY A 402 -22.71 1.67 16.58
C GLY A 402 -22.30 0.41 17.32
N GLN A 403 -22.89 0.10 18.48
CA GLN A 403 -22.39 -0.98 19.34
C GLN A 403 -22.43 -2.33 18.60
N GLN A 404 -23.56 -2.63 17.94
CA GLN A 404 -23.69 -3.94 17.26
C GLN A 404 -22.73 -4.00 16.08
N PHE A 405 -22.55 -2.91 15.34
CA PHE A 405 -21.63 -2.82 14.20
C PHE A 405 -20.20 -3.08 14.68
N ALA A 406 -19.76 -2.34 15.69
CA ALA A 406 -18.40 -2.45 16.23
C ALA A 406 -18.13 -3.88 16.69
N LEU A 407 -19.04 -4.47 17.42
CA LEU A 407 -18.79 -5.82 17.99
C LEU A 407 -18.89 -6.89 16.92
N HIS A 408 -19.67 -6.72 15.87
CA HIS A 408 -19.71 -7.72 14.78
C HIS A 408 -18.38 -7.64 14.06
N GLU A 409 -17.94 -6.44 13.67
CA GLU A 409 -16.66 -6.25 12.96
C GLU A 409 -15.54 -6.81 13.82
N ALA A 410 -15.45 -6.45 15.09
CA ALA A 410 -14.30 -6.87 15.91
C ALA A 410 -14.31 -8.38 16.13
N THR A 411 -15.48 -9.00 16.30
CA THR A 411 -15.58 -10.46 16.50
C THR A 411 -15.14 -11.18 15.26
N LEU A 412 -15.62 -10.74 14.09
CA LEU A 412 -15.22 -11.36 12.79
C LEU A 412 -13.71 -11.27 12.64
N VAL A 413 -13.15 -10.06 12.77
CA VAL A 413 -11.72 -9.84 12.50
C VAL A 413 -10.88 -10.64 13.49
N LEU A 414 -11.16 -10.54 14.79
CA LEU A 414 -10.33 -11.25 15.77
C LEU A 414 -10.47 -12.75 15.54
N GLY A 415 -11.67 -13.24 15.24
CA GLY A 415 -11.84 -14.66 14.91
C GLY A 415 -10.97 -15.07 13.74
N MET A 416 -10.96 -14.32 12.65
CA MET A 416 -10.11 -14.67 11.49
C MET A 416 -8.64 -14.58 11.83
N MET A 417 -8.24 -13.60 12.63
CA MET A 417 -6.81 -13.48 13.02
C MET A 417 -6.39 -14.74 13.80
N LEU A 418 -7.23 -15.19 14.72
CA LEU A 418 -6.90 -16.35 15.57
C LEU A 418 -6.98 -17.64 14.78
N LYS A 419 -7.83 -17.73 13.78
CA LYS A 419 -7.90 -18.93 12.89
C LYS A 419 -6.61 -19.04 12.11
N HIS A 420 -6.08 -17.93 11.56
CA HIS A 420 -5.07 -17.98 10.48
C HIS A 420 -3.64 -17.85 11.01
N PHE A 421 -3.38 -17.37 12.21
CA PHE A 421 -2.02 -17.07 12.70
C PHE A 421 -1.85 -17.45 14.17
N ASP A 422 -0.63 -17.85 14.46
CA ASP A 422 -0.04 -17.78 15.83
C ASP A 422 0.63 -16.42 16.01
N PHE A 423 0.69 -15.92 17.24
CA PHE A 423 1.25 -14.57 17.50
C PHE A 423 2.37 -14.64 18.52
N GLU A 424 3.38 -13.81 18.34
CA GLU A 424 4.53 -13.72 19.25
C GLU A 424 4.70 -12.26 19.68
N ASP A 425 4.81 -12.02 20.99
CA ASP A 425 5.19 -10.70 21.56
C ASP A 425 6.71 -10.61 21.53
N HIS A 426 7.32 -10.42 20.36
CA HIS A 426 8.77 -10.65 20.15
C HIS A 426 9.63 -9.56 20.80
N THR A 427 9.07 -8.44 21.22
CA THR A 427 9.76 -7.30 21.88
C THR A 427 9.46 -7.28 23.38
N ASN A 428 8.59 -8.14 23.90
CA ASN A 428 8.11 -7.97 25.29
C ASN A 428 7.61 -6.54 25.46
N TYR A 429 6.59 -6.19 24.67
CA TYR A 429 6.12 -4.80 24.56
C TYR A 429 5.59 -4.28 25.88
N GLU A 430 6.02 -3.07 26.23
CA GLU A 430 5.55 -2.35 27.43
C GLU A 430 4.38 -1.44 27.02
N LEU A 431 3.24 -1.67 27.61
CA LEU A 431 2.03 -0.89 27.24
C LEU A 431 2.28 0.62 27.37
N ASP A 432 2.02 1.34 26.29
CA ASP A 432 2.15 2.82 26.22
C ASP A 432 0.86 3.26 25.53
N ILE A 433 -0.01 3.97 26.23
CA ILE A 433 -1.36 4.32 25.71
C ILE A 433 -1.39 5.75 25.15
N LYS A 434 -1.55 5.90 23.85
CA LYS A 434 -1.72 7.20 23.17
C LYS A 434 -3.18 7.62 23.24
N GLU A 435 -3.45 8.90 23.48
CA GLU A 435 -4.83 9.46 23.63
C GLU A 435 -5.07 10.39 22.46
N THR A 436 -6.10 10.11 21.66
CA THR A 436 -6.67 11.04 20.65
C THR A 436 -8.05 11.39 21.18
N LEU A 437 -9.09 11.18 20.36
CA LEU A 437 -10.46 11.08 20.94
C LEU A 437 -10.56 9.83 21.84
N THR A 438 -9.79 8.80 21.48
CA THR A 438 -9.86 7.45 22.09
C THR A 438 -8.47 7.02 22.57
N LEU A 439 -8.44 5.87 23.23
CA LEU A 439 -7.18 5.21 23.71
C LEU A 439 -6.73 4.17 22.72
N LYS A 440 -5.43 4.11 22.43
CA LYS A 440 -4.84 3.01 21.62
C LYS A 440 -3.47 2.68 22.15
N PRO A 441 -2.95 1.43 21.98
N PRO A 441 -3.04 1.40 22.16
CA PRO A 441 -1.61 1.06 22.42
CA PRO A 441 -1.63 1.12 22.38
C PRO A 441 -0.46 1.39 21.44
C PRO A 441 -0.89 1.90 21.30
N GLU A 442 0.24 2.50 21.69
CA GLU A 442 1.18 3.08 20.73
C GLU A 442 2.44 2.20 20.65
N GLY A 443 2.90 1.92 19.43
CA GLY A 443 4.16 1.15 19.26
C GLY A 443 3.99 -0.35 19.43
N PHE A 444 2.77 -0.82 19.64
CA PHE A 444 2.52 -2.27 19.83
C PHE A 444 2.80 -2.99 18.51
N VAL A 445 3.76 -3.94 18.57
CA VAL A 445 4.19 -4.75 17.41
C VAL A 445 4.16 -6.21 17.84
N VAL A 446 3.90 -7.09 16.89
CA VAL A 446 3.93 -8.57 17.08
C VAL A 446 4.51 -9.17 15.81
N LYS A 447 4.90 -10.44 15.93
CA LYS A 447 5.16 -11.29 14.75
C LYS A 447 4.05 -12.32 14.62
N ALA A 448 3.62 -12.66 13.42
CA ALA A 448 2.60 -13.68 13.17
C ALA A 448 3.31 -14.87 12.52
N LYS A 449 2.86 -16.06 12.83
CA LYS A 449 3.32 -17.22 12.04
C LYS A 449 2.08 -17.85 11.43
N SER A 450 2.04 -17.91 10.12
CA SER A 450 0.87 -18.47 9.41
C SER A 450 0.59 -19.91 9.82
N LYS A 451 -0.67 -20.24 10.06
CA LYS A 451 -1.11 -21.65 10.22
C LYS A 451 -1.33 -22.28 8.84
N LYS A 452 -1.14 -21.54 7.75
CA LYS A 452 -1.20 -22.02 6.34
C LYS A 452 -2.57 -22.60 6.02
N ILE A 453 -3.62 -21.93 6.44
CA ILE A 453 -5.02 -22.29 6.16
C ILE A 453 -5.52 -21.41 5.03
N PRO A 454 -5.89 -21.97 3.87
CA PRO A 454 -6.30 -21.15 2.74
C PRO A 454 -7.58 -20.33 3.01
N LEU A 455 -7.67 -19.22 2.29
CA LEU A 455 -8.88 -18.38 2.11
C LEU A 455 -9.65 -18.81 0.85
N ILE B 2 35.45 1.90 -50.11
CA ILE B 2 36.02 2.37 -48.79
C ILE B 2 35.68 3.85 -48.60
N LYS B 3 34.99 4.16 -47.51
CA LYS B 3 34.29 5.46 -47.28
C LYS B 3 34.65 6.01 -45.91
N GLU B 4 34.63 7.34 -45.82
CA GLU B 4 34.70 8.09 -44.56
C GLU B 4 33.31 8.05 -43.90
N MET B 5 33.32 7.85 -42.61
CA MET B 5 32.11 7.83 -41.77
C MET B 5 31.65 9.25 -41.43
N PRO B 6 30.34 9.57 -41.50
CA PRO B 6 29.79 10.81 -40.97
C PRO B 6 29.99 10.90 -39.45
N GLN B 7 29.97 12.13 -38.96
CA GLN B 7 30.22 12.47 -37.54
C GLN B 7 29.31 13.62 -37.18
N PRO B 8 28.64 13.63 -36.02
CA PRO B 8 27.84 14.78 -35.59
C PRO B 8 28.72 15.97 -35.15
N LYS B 9 28.05 17.06 -34.82
CA LYS B 9 28.73 18.37 -34.53
C LYS B 9 29.71 18.22 -33.38
N THR B 10 30.83 18.94 -33.49
CA THR B 10 31.94 18.90 -32.50
C THR B 10 32.10 20.19 -31.73
N PHE B 11 32.77 20.08 -30.59
CA PHE B 11 32.90 21.15 -29.59
C PHE B 11 34.40 21.30 -29.29
N GLY B 12 35.19 21.61 -30.31
CA GLY B 12 36.64 21.77 -30.12
C GLY B 12 37.25 20.56 -29.50
N GLU B 13 38.01 20.74 -28.41
CA GLU B 13 38.80 19.62 -27.85
C GLU B 13 37.88 18.63 -27.16
N LEU B 14 36.65 18.98 -26.84
CA LEU B 14 35.70 18.00 -26.24
C LEU B 14 35.12 17.11 -27.34
N LYS B 15 35.36 17.34 -28.63
CA LYS B 15 34.88 16.47 -29.71
C LYS B 15 33.35 16.40 -29.59
N ASN B 16 32.76 15.18 -29.59
CA ASN B 16 31.29 15.06 -29.52
C ASN B 16 30.81 14.93 -28.09
N LEU B 17 31.66 14.92 -27.09
CA LEU B 17 31.24 14.58 -25.71
C LEU B 17 30.09 15.41 -25.18
N PRO B 18 29.97 16.73 -25.44
CA PRO B 18 28.82 17.48 -24.97
C PRO B 18 27.44 17.01 -25.42
N LEU B 19 27.41 16.27 -26.51
CA LEU B 19 26.12 15.70 -26.99
C LEU B 19 25.57 14.68 -26.00
N LEU B 20 26.41 14.11 -25.14
CA LEU B 20 25.90 13.18 -24.10
C LEU B 20 25.26 13.92 -22.95
N ASN B 21 25.39 15.24 -22.86
CA ASN B 21 24.90 16.01 -21.68
C ASN B 21 23.42 16.32 -21.91
N THR B 22 22.59 15.30 -21.70
CA THR B 22 21.11 15.35 -21.88
C THR B 22 20.53 14.22 -21.03
N ASP B 23 19.30 14.36 -20.55
CA ASP B 23 18.63 13.23 -19.85
C ASP B 23 17.90 12.33 -20.82
N LYS B 24 17.93 12.61 -22.13
CA LYS B 24 17.30 11.71 -23.14
C LYS B 24 18.32 11.40 -24.25
N VAL B 25 19.39 10.75 -23.89
CA VAL B 25 20.52 10.54 -24.83
C VAL B 25 20.18 9.55 -25.93
N VAL B 26 19.41 8.48 -25.63
CA VAL B 26 19.02 7.54 -26.74
C VAL B 26 18.20 8.28 -27.79
N GLN B 27 17.25 9.10 -27.36
CA GLN B 27 16.44 9.86 -28.32
C GLN B 27 17.27 10.89 -29.08
N ALA B 28 18.28 11.46 -28.42
CA ALA B 28 19.19 12.38 -29.14
C ALA B 28 20.02 11.63 -30.18
N LEU B 29 20.43 10.40 -29.86
CA LEU B 29 21.22 9.59 -30.82
C LEU B 29 20.36 9.14 -32.01
N MET B 30 19.08 8.86 -31.73
CA MET B 30 18.14 8.52 -32.80
C MET B 30 17.99 9.69 -33.79
N LYS B 31 17.92 10.93 -33.26
CA LYS B 31 17.82 12.11 -34.16
C LYS B 31 19.12 12.28 -34.99
N ILE B 32 20.27 12.05 -34.36
CA ILE B 32 21.56 12.07 -35.10
C ILE B 32 21.54 11.03 -36.21
N ALA B 33 21.08 9.80 -35.90
CA ALA B 33 20.98 8.73 -36.91
C ALA B 33 20.03 9.14 -38.05
N ASP B 34 18.91 9.79 -37.74
CA ASP B 34 17.99 10.27 -38.80
C ASP B 34 18.74 11.23 -39.72
N GLU B 35 19.61 12.09 -39.18
CA GLU B 35 20.32 13.10 -40.01
C GLU B 35 21.46 12.45 -40.78
N LEU B 36 22.23 11.55 -40.17
CA LEU B 36 23.50 11.08 -40.75
C LEU B 36 23.40 9.74 -41.45
N GLY B 37 22.39 8.93 -41.11
CA GLY B 37 22.13 7.64 -41.77
C GLY B 37 22.58 6.40 -40.99
N GLU B 38 22.99 5.36 -41.70
CA GLU B 38 23.13 3.99 -41.16
C GLU B 38 24.31 3.87 -40.23
N ILE B 39 25.30 4.75 -40.27
CA ILE B 39 26.51 4.63 -39.45
C ILE B 39 27.04 6.03 -39.15
N PHE B 40 27.46 6.31 -37.94
CA PHE B 40 28.25 7.53 -37.65
C PHE B 40 29.26 7.25 -36.58
N LYS B 41 30.37 8.00 -36.56
CA LYS B 41 31.37 7.90 -35.50
C LYS B 41 31.08 8.98 -34.46
N PHE B 42 31.27 8.65 -33.20
CA PHE B 42 31.05 9.51 -32.05
C PHE B 42 32.35 9.49 -31.26
N GLU B 43 33.05 10.61 -31.17
CA GLU B 43 34.36 10.73 -30.52
C GLU B 43 34.27 11.52 -29.24
N ALA B 44 35.00 11.09 -28.23
CA ALA B 44 35.25 11.87 -27.01
C ALA B 44 36.75 11.87 -26.82
N PRO B 45 37.28 12.70 -25.91
CA PRO B 45 38.69 12.55 -25.52
C PRO B 45 38.87 11.13 -24.94
N GLY B 46 39.73 10.36 -25.59
CA GLY B 46 40.07 9.02 -25.07
C GLY B 46 39.12 7.90 -25.46
N TRP B 47 38.10 8.10 -26.30
CA TRP B 47 37.37 6.92 -26.84
C TRP B 47 36.60 7.26 -28.13
N VAL B 48 36.23 6.26 -28.89
CA VAL B 48 35.42 6.38 -30.12
C VAL B 48 34.41 5.25 -30.18
N LEU B 49 33.17 5.52 -30.52
CA LEU B 49 32.11 4.52 -30.73
C LEU B 49 31.55 4.69 -32.11
N ARG B 50 31.18 3.65 -32.83
CA ARG B 50 30.45 3.76 -34.09
C ARG B 50 29.02 3.29 -33.88
N TYR B 51 28.04 4.13 -34.22
CA TYR B 51 26.62 3.84 -34.00
C TYR B 51 26.02 3.28 -35.27
N LEU B 52 25.40 2.09 -35.20
CA LEU B 52 24.78 1.43 -36.36
C LEU B 52 23.26 1.49 -36.26
N SER B 53 22.60 1.74 -37.39
CA SER B 53 21.15 1.89 -37.45
C SER B 53 20.48 1.05 -38.54
N SER B 54 21.18 0.53 -39.53
CA SER B 54 20.53 -0.20 -40.64
C SER B 54 20.61 -1.72 -40.44
N GLN B 55 19.60 -2.43 -40.93
CA GLN B 55 19.69 -3.92 -40.95
C GLN B 55 20.88 -4.35 -41.81
N ARG B 56 21.19 -3.61 -42.86
CA ARG B 56 22.30 -3.99 -43.78
C ARG B 56 23.59 -4.14 -42.98
N LEU B 57 23.91 -3.22 -42.05
CA LEU B 57 25.15 -3.30 -41.27
C LEU B 57 24.97 -4.17 -40.00
N ILE B 58 23.84 -4.06 -39.36
CA ILE B 58 23.60 -4.82 -38.11
C ILE B 58 23.61 -6.33 -38.42
N LYS B 59 23.17 -6.80 -39.58
CA LYS B 59 23.21 -8.25 -39.94
C LYS B 59 24.68 -8.70 -39.92
N GLU B 60 25.63 -7.87 -40.35
CA GLU B 60 27.07 -8.23 -40.19
C GLU B 60 27.55 -8.14 -38.75
N ALA B 61 27.15 -7.12 -38.00
CA ALA B 61 27.61 -6.94 -36.61
C ALA B 61 27.16 -8.14 -35.77
N CYS B 62 26.09 -8.80 -36.17
CA CYS B 62 25.51 -9.95 -35.40
C CYS B 62 26.21 -11.27 -35.77
N ASP B 63 27.25 -11.26 -36.63
CA ASP B 63 28.07 -12.44 -36.94
C ASP B 63 29.04 -12.68 -35.78
N GLU B 64 28.81 -13.71 -34.96
CA GLU B 64 29.62 -13.99 -33.77
C GLU B 64 31.03 -14.44 -34.09
N SER B 65 31.29 -14.80 -35.37
CA SER B 65 32.69 -15.13 -35.75
C SER B 65 33.55 -13.86 -35.87
N ARG B 66 32.91 -12.72 -36.07
CA ARG B 66 33.60 -11.42 -36.32
C ARG B 66 33.47 -10.43 -35.14
N PHE B 67 32.38 -10.52 -34.35
CA PHE B 67 32.08 -9.52 -33.28
C PHE B 67 31.62 -10.26 -32.03
N ASP B 68 32.01 -9.77 -30.88
CA ASP B 68 31.60 -10.28 -29.55
C ASP B 68 30.99 -9.13 -28.74
N LYS B 69 30.19 -9.46 -27.72
CA LYS B 69 29.63 -8.44 -26.82
C LYS B 69 30.76 -7.61 -26.20
N ASN B 70 30.53 -6.30 -26.21
CA ASN B 70 31.38 -5.31 -25.55
C ASN B 70 30.67 -4.77 -24.32
N LEU B 71 31.41 -4.43 -23.29
CA LEU B 71 30.88 -3.62 -22.17
C LEU B 71 31.06 -2.14 -22.55
N SER B 72 29.95 -1.49 -22.86
CA SER B 72 29.89 -0.04 -23.12
C SER B 72 30.30 0.67 -21.84
N GLY B 73 30.52 1.98 -21.92
CA GLY B 73 30.88 2.74 -20.72
C GLY B 73 29.80 2.58 -19.63
N VAL B 74 28.55 2.61 -20.00
CA VAL B 74 27.46 2.41 -19.00
C VAL B 74 27.60 1.02 -18.36
N LEU B 75 27.84 -0.03 -19.14
CA LEU B 75 27.89 -1.38 -18.51
C LEU B 75 29.13 -1.52 -17.64
N LYS B 76 30.25 -0.86 -17.98
CA LYS B 76 31.43 -0.92 -17.12
C LYS B 76 31.13 -0.27 -15.76
N PHE B 77 30.28 0.75 -15.73
CA PHE B 77 29.90 1.38 -14.43
C PHE B 77 28.85 0.53 -13.72
N VAL B 78 27.91 -0.07 -14.43
CA VAL B 78 26.93 -0.96 -13.77
C VAL B 78 27.70 -2.14 -13.17
N ARG B 79 28.79 -2.59 -13.80
CA ARG B 79 29.60 -3.69 -13.25
C ARG B 79 30.15 -3.38 -11.84
N ASP B 80 30.20 -2.12 -11.43
CA ASP B 80 30.67 -1.83 -10.05
C ASP B 80 29.69 -2.40 -9.03
N PHE B 81 28.41 -2.62 -9.36
CA PHE B 81 27.48 -3.33 -8.44
C PHE B 81 26.98 -4.66 -9.00
N ALA B 82 26.93 -4.89 -10.32
CA ALA B 82 26.46 -6.19 -10.89
C ALA B 82 27.60 -7.15 -11.16
N GLY B 83 28.85 -6.71 -10.94
CA GLY B 83 30.02 -7.61 -11.02
C GLY B 83 30.13 -8.44 -12.25
N ASP B 84 30.53 -9.72 -12.07
CA ASP B 84 30.65 -10.68 -13.18
C ASP B 84 29.38 -11.54 -13.24
N GLY B 85 28.24 -10.92 -12.96
CA GLY B 85 26.97 -11.58 -13.29
C GLY B 85 26.82 -11.66 -14.78
N LEU B 86 25.77 -12.32 -15.24
CA LEU B 86 25.67 -12.63 -16.68
C LEU B 86 25.68 -11.38 -17.55
N PHE B 87 25.02 -10.31 -17.14
CA PHE B 87 24.81 -9.10 -17.98
C PHE B 87 26.09 -8.26 -18.11
N THR B 88 26.95 -8.24 -17.09
CA THR B 88 28.15 -7.34 -17.05
C THR B 88 29.45 -8.11 -17.07
N SER B 89 29.40 -9.34 -17.52
CA SER B 89 30.61 -10.19 -17.71
C SER B 89 30.99 -10.16 -19.18
N TRP B 90 32.30 -10.33 -19.44
CA TRP B 90 32.84 -10.60 -20.78
C TRP B 90 32.66 -12.08 -21.13
N THR B 91 32.45 -12.41 -22.38
CA THR B 91 32.18 -13.80 -22.84
C THR B 91 33.33 -14.72 -22.42
N HIS B 92 34.55 -14.21 -22.36
CA HIS B 92 35.74 -15.03 -22.05
C HIS B 92 35.97 -15.16 -20.56
N GLU B 93 35.25 -14.50 -19.66
CA GLU B 93 35.44 -14.71 -18.21
C GLU B 93 34.86 -16.08 -17.85
N LYS B 94 35.53 -16.87 -17.02
CA LYS B 94 35.07 -18.22 -16.59
C LYS B 94 33.63 -18.13 -16.09
N ASN B 95 33.32 -17.15 -15.27
CA ASN B 95 31.99 -17.10 -14.63
C ASN B 95 30.89 -16.83 -15.67
N TRP B 96 31.12 -16.32 -16.86
CA TRP B 96 30.03 -16.14 -17.84
C TRP B 96 29.54 -17.52 -18.24
N LYS B 97 30.37 -18.37 -18.85
CA LYS B 97 29.90 -19.64 -19.40
C LYS B 97 29.39 -20.52 -18.26
N LYS B 98 30.05 -20.51 -17.13
CA LYS B 98 29.63 -21.33 -15.98
C LYS B 98 28.22 -20.92 -15.58
N ALA B 99 27.96 -19.67 -15.31
CA ALA B 99 26.61 -19.24 -14.88
C ALA B 99 25.60 -19.47 -16.01
N HIS B 100 25.97 -19.23 -17.25
CA HIS B 100 25.09 -19.45 -18.42
C HIS B 100 24.63 -20.90 -18.43
N ASN B 101 25.59 -21.84 -18.31
CA ASN B 101 25.22 -23.27 -18.38
C ASN B 101 24.33 -23.63 -17.18
N ILE B 102 24.61 -23.13 -16.00
CA ILE B 102 23.82 -23.48 -14.78
C ILE B 102 22.42 -22.92 -14.91
N LEU B 103 22.27 -21.66 -15.33
CA LEU B 103 20.96 -20.94 -15.30
C LEU B 103 20.12 -21.22 -16.52
N LEU B 104 20.61 -21.69 -17.66
CA LEU B 104 19.74 -21.89 -18.86
C LEU B 104 18.51 -22.73 -18.50
N PRO B 105 18.58 -23.86 -17.77
CA PRO B 105 17.37 -24.65 -17.53
C PRO B 105 16.41 -23.91 -16.63
N SER B 106 16.82 -22.96 -15.81
CA SER B 106 15.93 -22.15 -14.96
C SER B 106 15.14 -21.15 -15.76
N PHE B 107 15.50 -20.88 -17.01
CA PHE B 107 14.87 -19.80 -17.82
C PHE B 107 14.20 -20.34 -19.04
N SER B 108 14.07 -21.68 -19.11
CA SER B 108 13.45 -22.35 -20.24
C SER B 108 11.95 -22.19 -20.24
N GLN B 109 11.37 -22.48 -21.40
CA GLN B 109 9.90 -22.50 -21.50
C GLN B 109 9.33 -23.51 -20.50
N GLN B 110 9.99 -24.67 -20.29
CA GLN B 110 9.57 -25.66 -19.29
C GLN B 110 9.57 -25.12 -17.86
N ALA B 111 10.56 -24.30 -17.51
CA ALA B 111 10.65 -23.68 -16.18
C ALA B 111 9.43 -22.74 -15.96
N MET B 112 8.92 -22.16 -17.05
CA MET B 112 7.78 -21.20 -16.93
C MET B 112 6.55 -21.90 -16.38
N LYS B 113 6.37 -23.20 -16.67
CA LYS B 113 5.22 -23.97 -16.10
C LYS B 113 5.30 -23.88 -14.60
N GLY B 114 6.47 -23.94 -14.01
CA GLY B 114 6.68 -23.86 -12.57
C GLY B 114 6.56 -22.47 -11.98
N TYR B 115 6.98 -21.42 -12.68
CA TYR B 115 6.86 -20.04 -12.18
C TYR B 115 5.40 -19.53 -12.32
N HIS B 116 4.62 -20.16 -13.17
CA HIS B 116 3.29 -19.62 -13.55
C HIS B 116 2.47 -19.26 -12.32
N ALA B 117 2.35 -20.12 -11.35
CA ALA B 117 1.46 -19.87 -10.18
C ALA B 117 1.91 -18.63 -9.41
N MET B 118 3.21 -18.36 -9.24
CA MET B 118 3.71 -17.14 -8.55
C MET B 118 3.45 -15.90 -9.41
N MET B 119 3.60 -16.01 -10.74
CA MET B 119 3.25 -14.89 -11.64
C MET B 119 1.76 -14.56 -11.48
N VAL B 120 0.89 -15.56 -11.45
CA VAL B 120 -0.57 -15.32 -11.26
C VAL B 120 -0.79 -14.66 -9.92
N ASP B 121 -0.11 -15.02 -8.85
CA ASP B 121 -0.30 -14.36 -7.55
C ASP B 121 -0.14 -12.84 -7.68
N ILE B 122 0.93 -12.37 -8.31
CA ILE B 122 1.14 -10.94 -8.43
C ILE B 122 0.16 -10.34 -9.43
N ALA B 123 -0.13 -10.99 -10.55
CA ALA B 123 -1.07 -10.45 -11.54
C ALA B 123 -2.42 -10.26 -10.87
N VAL B 124 -2.90 -11.21 -10.06
CA VAL B 124 -4.23 -11.06 -9.41
C VAL B 124 -4.12 -9.87 -8.45
N GLN B 125 -3.04 -9.59 -7.75
CA GLN B 125 -2.90 -8.40 -6.90
C GLN B 125 -3.09 -7.13 -7.75
N LEU B 126 -2.54 -7.04 -8.95
CA LEU B 126 -2.74 -5.87 -9.83
C LEU B 126 -4.22 -5.74 -10.20
N VAL B 127 -4.85 -6.82 -10.63
CA VAL B 127 -6.27 -6.76 -11.06
C VAL B 127 -7.08 -6.32 -9.85
N GLN B 128 -6.87 -6.87 -8.67
CA GLN B 128 -7.67 -6.47 -7.49
C GLN B 128 -7.41 -5.03 -7.21
N LYS B 129 -6.23 -4.48 -7.26
CA LYS B 129 -5.98 -3.07 -7.02
C LYS B 129 -6.87 -2.21 -7.93
N TRP B 130 -6.91 -2.54 -9.22
CA TRP B 130 -7.66 -1.71 -10.20
C TRP B 130 -9.15 -1.93 -10.00
N GLU B 131 -9.62 -3.11 -9.61
CA GLU B 131 -11.04 -3.34 -9.32
C GLU B 131 -11.44 -2.48 -8.11
N ARG B 132 -10.56 -2.13 -7.22
CA ARG B 132 -10.89 -1.44 -5.96
C ARG B 132 -10.77 0.06 -6.09
N LEU B 133 -10.38 0.61 -7.25
CA LEU B 133 -10.36 2.09 -7.42
C LEU B 133 -11.80 2.64 -7.46
N ASN B 134 -11.94 3.84 -6.95
CA ASN B 134 -13.21 4.58 -6.96
C ASN B 134 -13.40 5.20 -8.36
N ALA B 135 -14.64 5.62 -8.62
CA ALA B 135 -15.05 6.16 -9.95
C ALA B 135 -14.15 7.32 -10.42
N ASP B 136 -13.72 8.23 -9.56
CA ASP B 136 -13.00 9.46 -10.05
C ASP B 136 -11.51 9.17 -10.32
N GLU B 137 -11.05 7.96 -10.07
CA GLU B 137 -9.59 7.72 -9.92
C GLU B 137 -9.01 7.23 -11.26
N HIS B 138 -7.70 7.36 -11.36
CA HIS B 138 -6.92 6.87 -12.51
C HIS B 138 -5.79 5.96 -12.07
N ILE B 139 -5.18 5.37 -13.07
CA ILE B 139 -4.05 4.43 -12.93
C ILE B 139 -2.77 5.15 -13.37
N GLU B 140 -1.73 5.05 -12.56
CA GLU B 140 -0.36 5.50 -12.94
C GLU B 140 0.37 4.29 -13.55
N VAL B 141 0.43 4.23 -14.88
CA VAL B 141 0.74 2.98 -15.61
C VAL B 141 2.16 2.48 -15.34
N PRO B 142 3.23 3.23 -15.63
CA PRO B 142 4.57 2.68 -15.41
C PRO B 142 4.79 2.38 -13.93
N GLU B 143 4.20 3.14 -13.03
CA GLU B 143 4.37 2.91 -11.58
C GLU B 143 3.78 1.54 -11.24
N ASP B 144 2.54 1.25 -11.64
CA ASP B 144 1.91 -0.05 -11.33
C ASP B 144 2.60 -1.21 -12.06
N MET B 145 3.07 -1.01 -13.29
CA MET B 145 3.73 -2.12 -14.01
C MET B 145 5.06 -2.44 -13.33
N THR B 146 5.76 -1.44 -12.80
CA THR B 146 7.04 -1.66 -12.07
C THR B 146 6.74 -2.34 -10.75
N ARG B 147 5.65 -2.00 -10.03
CA ARG B 147 5.31 -2.75 -8.80
C ARG B 147 5.15 -4.21 -9.16
N LEU B 148 4.44 -4.53 -10.24
CA LEU B 148 4.18 -5.90 -10.65
C LEU B 148 5.48 -6.65 -11.03
N THR B 149 6.32 -6.06 -11.89
CA THR B 149 7.48 -6.85 -12.41
C THR B 149 8.49 -7.01 -11.29
N LEU B 150 8.72 -6.01 -10.46
CA LEU B 150 9.62 -6.18 -9.29
C LEU B 150 9.10 -7.29 -8.42
N ASP B 151 7.81 -7.30 -8.09
CA ASP B 151 7.30 -8.32 -7.17
C ASP B 151 7.46 -9.70 -7.81
N THR B 152 7.22 -9.85 -9.09
CA THR B 152 7.28 -11.14 -9.77
C THR B 152 8.70 -11.72 -9.67
N ILE B 153 9.71 -10.89 -9.93
CA ILE B 153 11.09 -11.45 -9.87
C ILE B 153 11.51 -11.67 -8.44
N GLY B 154 11.04 -10.89 -7.47
CA GLY B 154 11.33 -11.22 -6.07
C GLY B 154 10.82 -12.60 -5.72
N LEU B 155 9.60 -12.90 -6.09
CA LEU B 155 8.96 -14.15 -5.65
C LEU B 155 9.60 -15.31 -6.42
N CYS B 156 9.76 -15.23 -7.75
CA CYS B 156 10.44 -16.31 -8.57
C CYS B 156 11.95 -16.35 -8.38
N GLY B 157 12.58 -15.28 -8.03
CA GLY B 157 14.04 -15.20 -7.88
C GLY B 157 14.44 -15.77 -6.54
N PHE B 158 13.76 -15.45 -5.46
CA PHE B 158 14.24 -15.89 -4.15
C PHE B 158 13.10 -15.95 -3.12
N ASN B 159 11.87 -16.16 -3.52
CA ASN B 159 10.75 -16.38 -2.56
C ASN B 159 10.64 -15.20 -1.61
N TYR B 160 10.85 -13.98 -2.09
CA TYR B 160 10.82 -12.76 -1.29
C TYR B 160 9.67 -11.90 -1.76
N ARG B 161 8.85 -11.40 -0.84
CA ARG B 161 7.72 -10.50 -1.21
C ARG B 161 8.15 -9.06 -0.98
N PHE B 162 8.33 -8.32 -2.06
CA PHE B 162 8.53 -6.87 -1.96
C PHE B 162 7.21 -6.18 -1.54
N ASN B 163 6.08 -6.82 -1.73
CA ASN B 163 4.77 -6.22 -1.30
C ASN B 163 4.64 -4.82 -1.87
N SER B 164 4.97 -4.62 -3.14
CA SER B 164 4.96 -3.30 -3.77
C SER B 164 3.55 -2.69 -3.82
N PHE B 165 2.49 -3.51 -3.87
CA PHE B 165 1.10 -2.95 -3.95
C PHE B 165 0.71 -2.44 -2.57
N TYR B 166 1.45 -2.70 -1.49
CA TYR B 166 1.13 -2.24 -0.13
C TYR B 166 1.82 -0.92 0.16
N ARG B 167 2.63 -0.36 -0.75
CA ARG B 167 3.45 0.83 -0.40
C ARG B 167 3.59 1.83 -1.52
N ASP B 168 3.98 3.06 -1.16
CA ASP B 168 4.46 4.11 -2.09
C ASP B 168 5.99 4.22 -1.96
N GLN B 169 6.56 4.11 -0.76
CA GLN B 169 8.03 4.29 -0.59
C GLN B 169 8.76 3.03 -1.05
N PRO B 170 9.87 3.13 -1.84
CA PRO B 170 10.61 1.94 -2.22
C PRO B 170 11.22 1.21 -1.03
N HIS B 171 11.45 -0.08 -1.23
CA HIS B 171 12.35 -0.90 -0.39
C HIS B 171 13.73 -0.25 -0.37
N PRO B 172 14.46 -0.25 0.79
CA PRO B 172 15.83 0.27 0.84
C PRO B 172 16.78 -0.27 -0.23
N PHE B 173 16.65 -1.54 -0.61
CA PHE B 173 17.49 -2.09 -1.70
C PHE B 173 17.21 -1.31 -2.98
N ILE B 174 15.94 -1.06 -3.24
CA ILE B 174 15.55 -0.44 -4.54
C ILE B 174 15.95 1.04 -4.55
N THR B 175 15.81 1.75 -3.41
CA THR B 175 16.31 3.15 -3.33
C THR B 175 17.79 3.15 -3.75
N SER B 176 18.62 2.28 -3.21
CA SER B 176 20.06 2.22 -3.51
C SER B 176 20.27 1.79 -4.97
N MET B 177 19.49 0.82 -5.46
CA MET B 177 19.66 0.30 -6.83
C MET B 177 19.35 1.38 -7.89
N VAL B 178 18.23 2.08 -7.71
CA VAL B 178 17.82 3.15 -8.66
C VAL B 178 18.87 4.26 -8.66
N ARG B 179 19.35 4.69 -7.48
CA ARG B 179 20.37 5.76 -7.36
C ARG B 179 21.70 5.31 -7.95
N ALA B 180 22.08 4.05 -7.79
CA ALA B 180 23.33 3.56 -8.38
C ALA B 180 23.20 3.47 -9.90
N LEU B 181 22.06 3.01 -10.40
CA LEU B 181 21.85 3.01 -11.88
C LEU B 181 21.90 4.43 -12.43
N ASP B 182 21.32 5.40 -11.71
CA ASP B 182 21.34 6.81 -12.17
C ASP B 182 22.81 7.28 -12.26
N GLU B 183 23.60 7.01 -11.22
CA GLU B 183 25.00 7.43 -11.19
C GLU B 183 25.76 6.78 -12.32
N ALA B 184 25.61 5.47 -12.52
CA ALA B 184 26.32 4.77 -13.58
C ALA B 184 25.98 5.40 -14.94
N MET B 185 24.71 5.68 -15.20
CA MET B 185 24.28 6.18 -16.52
C MET B 185 24.77 7.64 -16.70
N ASN B 186 25.05 8.38 -15.63
CA ASN B 186 25.51 9.80 -15.65
C ASN B 186 27.02 9.91 -15.82
N LYS B 187 27.81 8.89 -15.54
CA LYS B 187 29.28 9.02 -15.50
C LYS B 187 29.87 9.22 -16.91
N PRO B 188 29.44 8.52 -18.01
CA PRO B 188 30.13 8.72 -19.29
C PRO B 188 30.09 10.17 -19.80
N GLN B 189 29.07 10.98 -19.46
CA GLN B 189 29.01 12.38 -19.97
C GLN B 189 30.09 13.26 -19.32
N ARG B 190 30.73 12.87 -18.23
CA ARG B 190 31.65 13.78 -17.47
C ARG B 190 32.99 13.87 -18.15
N ALA B 191 33.40 15.07 -18.58
CA ALA B 191 34.73 15.31 -19.20
C ALA B 191 35.86 15.18 -18.18
N ASN B 192 35.60 15.57 -16.91
CA ASN B 192 36.58 15.58 -15.80
C ASN B 192 36.01 14.79 -14.62
N PRO B 193 36.03 13.44 -14.70
CA PRO B 193 35.42 12.57 -13.70
C PRO B 193 35.98 12.74 -12.27
N ASP B 194 37.22 13.24 -12.14
CA ASP B 194 37.87 13.47 -10.82
C ASP B 194 37.64 14.89 -10.31
N ASP B 195 36.84 15.71 -11.00
CA ASP B 195 36.41 17.05 -10.50
C ASP B 195 35.85 16.89 -9.09
N PRO B 196 36.25 17.70 -8.08
CA PRO B 196 35.66 17.59 -6.75
C PRO B 196 34.15 17.81 -6.68
N ALA B 197 33.53 18.39 -7.72
CA ALA B 197 32.06 18.50 -7.83
C ALA B 197 31.43 17.08 -7.73
N TYR B 198 32.16 16.01 -8.06
CA TYR B 198 31.58 14.64 -8.08
C TYR B 198 31.96 13.86 -6.82
N ASP B 199 32.59 14.49 -5.82
CA ASP B 199 33.06 13.75 -4.63
C ASP B 199 31.85 13.18 -3.89
N GLU B 200 30.77 13.95 -3.74
CA GLU B 200 29.54 13.48 -3.03
C GLU B 200 28.87 12.36 -3.86
N ASN B 201 28.85 12.47 -5.18
CA ASN B 201 28.27 11.38 -6.04
C ASN B 201 29.04 10.08 -5.76
N LYS B 202 30.36 10.12 -5.71
CA LYS B 202 31.23 8.95 -5.53
C LYS B 202 30.99 8.36 -4.14
N ARG B 203 30.88 9.20 -3.10
CA ARG B 203 30.62 8.70 -1.72
C ARG B 203 29.25 7.98 -1.70
N GLN B 204 28.22 8.60 -2.25
CA GLN B 204 26.88 7.98 -2.25
C GLN B 204 26.88 6.68 -3.09
N PHE B 205 27.61 6.61 -4.16
CA PHE B 205 27.70 5.39 -5.02
C PHE B 205 28.27 4.27 -4.17
N GLN B 206 29.38 4.52 -3.48
CA GLN B 206 29.96 3.47 -2.61
C GLN B 206 29.00 3.09 -1.49
N GLU B 207 28.24 4.02 -0.94
CA GLU B 207 27.24 3.69 0.10
C GLU B 207 26.15 2.77 -0.51
N ASP B 208 25.69 3.09 -1.71
CA ASP B 208 24.61 2.27 -2.36
C ASP B 208 25.11 0.89 -2.74
N ILE B 209 26.34 0.74 -3.19
CA ILE B 209 26.98 -0.57 -3.45
C ILE B 209 26.98 -1.38 -2.15
N LYS B 210 27.41 -0.79 -1.04
CA LYS B 210 27.45 -1.51 0.27
C LYS B 210 26.03 -1.98 0.68
N VAL B 211 25.01 -1.15 0.53
CA VAL B 211 23.61 -1.47 0.89
C VAL B 211 23.18 -2.70 0.05
N MET B 212 23.34 -2.63 -1.25
CA MET B 212 22.90 -3.77 -2.10
C MET B 212 23.64 -5.04 -1.67
N ASN B 213 24.95 -4.98 -1.51
CA ASN B 213 25.76 -6.18 -1.17
C ASN B 213 25.35 -6.74 0.19
N ASP B 214 25.17 -5.88 1.17
CA ASP B 214 24.84 -6.35 2.55
C ASP B 214 23.46 -7.03 2.54
N LEU B 215 22.45 -6.43 1.87
CA LEU B 215 21.11 -7.00 1.83
C LEU B 215 21.06 -8.31 1.05
N VAL B 216 21.67 -8.38 -0.13
CA VAL B 216 21.61 -9.64 -0.90
C VAL B 216 22.46 -10.72 -0.21
N ASP B 217 23.62 -10.38 0.33
CA ASP B 217 24.45 -11.39 1.05
C ASP B 217 23.63 -11.98 2.21
N LYS B 218 22.79 -11.19 2.85
CA LYS B 218 21.96 -11.72 3.99
C LYS B 218 20.88 -12.66 3.45
N ILE B 219 20.22 -12.33 2.33
CA ILE B 219 19.23 -13.23 1.69
C ILE B 219 19.92 -14.61 1.47
N ILE B 220 21.12 -14.61 0.88
CA ILE B 220 21.79 -15.89 0.57
C ILE B 220 22.14 -16.66 1.88
N ALA B 221 22.72 -15.96 2.84
CA ALA B 221 23.08 -16.56 4.16
C ALA B 221 21.81 -17.10 4.80
N ASP B 222 20.73 -16.34 4.84
CA ASP B 222 19.49 -16.82 5.46
C ASP B 222 18.96 -18.07 4.77
N ARG B 223 19.02 -18.18 3.44
CA ARG B 223 18.53 -19.37 2.76
C ARG B 223 19.41 -20.57 3.14
N LYS B 224 20.72 -20.38 3.14
CA LYS B 224 21.64 -21.48 3.52
C LYS B 224 21.33 -21.93 4.96
N ALA B 225 21.00 -21.01 5.87
CA ALA B 225 20.76 -21.33 7.30
C ALA B 225 19.41 -22.03 7.48
N SER B 226 18.45 -21.87 6.57
CA SER B 226 17.06 -22.41 6.73
C SER B 226 17.01 -23.84 6.23
N GLY B 227 17.79 -24.17 5.21
CA GLY B 227 17.70 -25.44 4.46
C GLY B 227 16.56 -25.51 3.44
N GLU B 228 15.74 -24.48 3.28
CA GLU B 228 14.49 -24.58 2.48
C GLU B 228 14.88 -24.76 1.00
N GLN B 229 14.16 -25.64 0.33
CA GLN B 229 14.36 -25.99 -1.09
C GLN B 229 13.18 -25.45 -1.89
N SER B 230 12.83 -24.17 -1.76
CA SER B 230 11.82 -23.54 -2.63
C SER B 230 12.28 -23.61 -4.09
N ASP B 231 11.34 -23.69 -5.03
CA ASP B 231 11.62 -23.90 -6.47
C ASP B 231 11.83 -22.52 -7.08
N ASP B 232 13.01 -21.94 -6.80
CA ASP B 232 13.30 -20.57 -7.26
C ASP B 232 14.74 -20.51 -7.73
N LEU B 233 15.08 -19.38 -8.32
CA LEU B 233 16.42 -19.22 -8.94
C LEU B 233 17.47 -19.37 -7.89
N LEU B 234 17.30 -18.88 -6.66
CA LEU B 234 18.32 -19.00 -5.64
C LEU B 234 18.57 -20.46 -5.24
N THR B 235 17.54 -21.31 -5.14
CA THR B 235 17.75 -22.77 -4.90
C THR B 235 18.55 -23.34 -6.06
N HIS B 236 18.19 -22.96 -7.28
CA HIS B 236 18.84 -23.56 -8.50
C HIS B 236 20.31 -23.17 -8.46
N MET B 237 20.68 -21.96 -8.08
CA MET B 237 22.09 -21.53 -8.02
C MET B 237 22.83 -22.17 -6.83
N LEU B 238 22.22 -22.34 -5.68
CA LEU B 238 22.88 -22.98 -4.54
C LEU B 238 23.11 -24.47 -4.89
N ASN B 239 22.29 -25.13 -5.67
CA ASN B 239 22.34 -26.61 -5.87
C ASN B 239 23.00 -26.98 -7.20
N GLY B 240 23.10 -26.08 -8.16
CA GLY B 240 23.44 -26.44 -9.53
C GLY B 240 24.95 -26.57 -9.72
N LYS B 241 25.30 -27.43 -10.67
CA LYS B 241 26.71 -27.58 -11.10
C LYS B 241 26.79 -27.41 -12.58
N ASP B 242 27.83 -26.69 -13.01
CA ASP B 242 28.09 -26.50 -14.45
C ASP B 242 28.47 -27.85 -15.02
N PRO B 243 27.82 -28.40 -16.06
CA PRO B 243 28.30 -29.66 -16.62
C PRO B 243 29.71 -29.64 -17.21
N GLU B 244 30.18 -28.50 -17.68
CA GLU B 244 31.51 -28.39 -18.31
C GLU B 244 32.57 -28.45 -17.23
N THR B 245 32.63 -27.50 -16.28
CA THR B 245 33.70 -27.41 -15.25
C THR B 245 33.37 -28.41 -14.13
N GLY B 246 32.11 -28.80 -13.92
CA GLY B 246 31.67 -29.56 -12.75
C GLY B 246 31.53 -28.73 -11.48
N GLU B 247 31.72 -27.42 -11.59
CA GLU B 247 31.74 -26.52 -10.43
C GLU B 247 30.37 -25.85 -10.23
N PRO B 248 30.03 -25.51 -8.98
CA PRO B 248 28.91 -24.61 -8.69
C PRO B 248 29.36 -23.16 -8.72
N LEU B 249 28.40 -22.23 -8.72
CA LEU B 249 28.67 -20.79 -8.51
C LEU B 249 29.07 -20.53 -7.05
N ASP B 250 29.97 -19.62 -6.81
CA ASP B 250 30.23 -19.21 -5.41
C ASP B 250 29.28 -18.12 -4.92
N ASP B 251 29.21 -17.86 -3.64
CA ASP B 251 28.20 -16.95 -3.04
C ASP B 251 28.36 -15.54 -3.61
N GLU B 252 29.57 -15.07 -3.90
CA GLU B 252 29.77 -13.70 -4.44
C GLU B 252 29.07 -13.65 -5.81
N ASN B 253 29.33 -14.62 -6.67
CA ASN B 253 28.73 -14.58 -8.03
C ASN B 253 27.20 -14.72 -7.86
N ILE B 254 26.67 -15.58 -6.99
CA ILE B 254 25.21 -15.66 -6.77
C ILE B 254 24.68 -14.29 -6.43
N ARG B 255 25.32 -13.52 -5.57
CA ARG B 255 24.89 -12.16 -5.24
C ARG B 255 24.81 -11.31 -6.51
N TYR B 256 25.84 -11.30 -7.33
CA TYR B 256 25.80 -10.53 -8.59
C TYR B 256 24.64 -10.99 -9.47
N GLN B 257 24.33 -12.25 -9.57
CA GLN B 257 23.20 -12.72 -10.39
C GLN B 257 21.89 -12.17 -9.81
N ILE B 258 21.71 -12.24 -8.50
CA ILE B 258 20.45 -11.72 -7.92
C ILE B 258 20.34 -10.24 -8.18
N ILE B 259 21.40 -9.46 -7.96
CA ILE B 259 21.34 -8.01 -8.25
C ILE B 259 20.92 -7.82 -9.72
N THR B 260 21.53 -8.57 -10.63
CA THR B 260 21.24 -8.48 -12.07
C THR B 260 19.75 -8.72 -12.32
N PHE B 261 19.20 -9.80 -11.76
CA PHE B 261 17.78 -10.17 -12.00
C PHE B 261 16.84 -9.11 -11.42
N LEU B 262 17.21 -8.46 -10.32
CA LEU B 262 16.40 -7.36 -9.74
C LEU B 262 16.48 -6.13 -10.67
N ILE B 263 17.63 -5.77 -11.20
CA ILE B 263 17.73 -4.71 -12.21
C ILE B 263 16.76 -5.03 -13.33
N ALA B 264 16.83 -6.22 -13.88
CA ALA B 264 16.01 -6.58 -15.06
C ALA B 264 14.54 -6.51 -14.71
N GLY B 265 14.16 -7.04 -13.58
CA GLY B 265 12.73 -7.12 -13.22
C GLY B 265 12.18 -5.74 -12.97
N HIS B 266 12.92 -4.82 -12.39
CA HIS B 266 12.51 -3.43 -12.19
C HIS B 266 12.45 -2.64 -13.50
N GLU B 267 13.41 -2.80 -14.38
CA GLU B 267 13.63 -1.85 -15.51
C GLU B 267 12.96 -2.30 -16.81
N THR B 268 13.00 -3.56 -17.19
CA THR B 268 12.71 -3.95 -18.58
C THR B 268 11.25 -4.35 -18.81
N THR B 269 10.77 -5.42 -18.20
CA THR B 269 9.43 -5.94 -18.53
C THR B 269 8.39 -4.84 -18.23
N SER B 270 8.61 -4.06 -17.17
CA SER B 270 7.64 -3.00 -16.84
C SER B 270 7.58 -1.93 -17.96
N GLY B 271 8.69 -1.62 -18.59
CA GLY B 271 8.65 -0.70 -19.76
C GLY B 271 7.86 -1.32 -20.87
N LEU B 272 8.09 -2.61 -21.18
CA LEU B 272 7.33 -3.26 -22.27
C LEU B 272 5.82 -3.18 -21.99
N LEU B 273 5.39 -3.55 -20.79
CA LEU B 273 3.95 -3.51 -20.47
C LEU B 273 3.40 -2.10 -20.63
N SER B 274 4.16 -1.12 -20.17
CA SER B 274 3.69 0.30 -20.24
C SER B 274 3.57 0.73 -21.69
N PHE B 275 4.56 0.46 -22.55
CA PHE B 275 4.44 0.83 -23.97
C PHE B 275 3.33 0.01 -24.64
N ALA B 276 3.10 -1.26 -24.33
CA ALA B 276 2.02 -2.04 -24.95
C ALA B 276 0.66 -1.38 -24.61
N LEU B 277 0.44 -1.04 -23.36
CA LEU B 277 -0.84 -0.40 -23.02
C LEU B 277 -0.97 0.96 -23.70
N TYR B 278 0.10 1.75 -23.81
CA TYR B 278 0.12 3.02 -24.56
C TYR B 278 -0.38 2.76 -25.96
N PHE B 279 0.27 1.85 -26.69
CA PHE B 279 -0.11 1.62 -28.08
C PHE B 279 -1.54 1.09 -28.19
N LEU B 280 -1.99 0.27 -27.26
CA LEU B 280 -3.38 -0.25 -27.35
C LEU B 280 -4.41 0.89 -27.14
N VAL B 281 -4.19 1.80 -26.22
CA VAL B 281 -5.20 2.89 -26.04
C VAL B 281 -5.11 3.86 -27.20
N LYS B 282 -3.99 4.00 -27.87
CA LYS B 282 -3.86 4.87 -29.07
C LYS B 282 -4.38 4.19 -30.34
N ASN B 283 -4.67 2.90 -30.32
CA ASN B 283 -5.07 2.12 -31.53
C ASN B 283 -6.27 1.26 -31.15
N PRO B 284 -7.47 1.87 -30.98
CA PRO B 284 -8.63 1.14 -30.47
C PRO B 284 -9.05 -0.11 -31.22
N HIS B 285 -8.85 -0.18 -32.54
CA HIS B 285 -9.19 -1.40 -33.29
C HIS B 285 -8.26 -2.58 -32.89
N VAL B 286 -6.97 -2.25 -32.62
CA VAL B 286 -6.03 -3.29 -32.14
C VAL B 286 -6.43 -3.70 -30.71
N LEU B 287 -6.75 -2.74 -29.85
CA LEU B 287 -7.20 -3.08 -28.49
C LEU B 287 -8.42 -4.02 -28.57
N GLN B 288 -9.40 -3.73 -29.43
CA GLN B 288 -10.60 -4.57 -29.54
C GLN B 288 -10.20 -6.00 -29.96
N LYS B 289 -9.33 -6.17 -30.96
CA LYS B 289 -8.92 -7.51 -31.41
C LYS B 289 -8.26 -8.24 -30.26
N ALA B 290 -7.39 -7.58 -29.51
CA ALA B 290 -6.67 -8.25 -28.41
C ALA B 290 -7.64 -8.59 -27.29
N ALA B 291 -8.60 -7.70 -26.98
CA ALA B 291 -9.62 -7.97 -25.94
C ALA B 291 -10.51 -9.16 -26.32
N GLU B 292 -10.84 -9.28 -27.60
CA GLU B 292 -11.67 -10.41 -28.09
C GLU B 292 -10.90 -11.70 -27.87
N GLU B 293 -9.60 -11.72 -28.16
CA GLU B 293 -8.78 -12.93 -27.92
C GLU B 293 -8.73 -13.23 -26.45
N ALA B 294 -8.52 -12.24 -25.60
CA ALA B 294 -8.45 -12.47 -24.15
C ALA B 294 -9.77 -13.14 -23.71
N ALA B 295 -10.91 -12.58 -24.12
CA ALA B 295 -12.23 -13.12 -23.67
C ALA B 295 -12.41 -14.56 -24.18
N ARG B 296 -11.99 -14.87 -25.39
CA ARG B 296 -12.18 -16.20 -26.04
C ARG B 296 -11.33 -17.23 -25.32
N VAL B 297 -10.10 -16.87 -24.92
CA VAL B 297 -9.12 -17.85 -24.41
C VAL B 297 -9.18 -17.99 -22.91
N LEU B 298 -9.29 -16.88 -22.18
CA LEU B 298 -9.21 -16.88 -20.70
C LEU B 298 -10.59 -17.18 -20.06
N VAL B 299 -11.01 -18.43 -20.23
CA VAL B 299 -12.39 -18.86 -19.83
C VAL B 299 -12.46 -19.24 -18.36
N ASP B 300 -11.36 -19.25 -17.61
CA ASP B 300 -11.35 -19.67 -16.19
C ASP B 300 -11.05 -18.48 -15.30
N PRO B 301 -11.38 -18.53 -14.00
CA PRO B 301 -11.13 -17.43 -13.08
C PRO B 301 -9.65 -17.02 -13.00
N VAL B 302 -8.77 -17.98 -13.13
CA VAL B 302 -7.35 -17.55 -13.34
C VAL B 302 -6.75 -18.34 -14.48
N PRO B 303 -5.88 -17.66 -15.25
CA PRO B 303 -5.28 -18.29 -16.41
C PRO B 303 -4.38 -19.48 -16.04
N SER B 304 -4.45 -20.49 -16.89
CA SER B 304 -3.48 -21.60 -16.90
C SER B 304 -2.26 -21.26 -17.75
N TYR B 305 -1.20 -22.06 -17.60
CA TYR B 305 -0.01 -21.92 -18.47
C TYR B 305 -0.42 -22.13 -19.93
N LYS B 306 -1.21 -23.18 -20.22
CA LYS B 306 -1.58 -23.49 -21.61
C LYS B 306 -2.39 -22.34 -22.19
N GLN B 307 -3.29 -21.74 -21.40
CA GLN B 307 -4.05 -20.59 -21.94
C GLN B 307 -3.15 -19.41 -22.32
N VAL B 308 -2.15 -19.13 -21.49
CA VAL B 308 -1.22 -18.03 -21.84
C VAL B 308 -0.55 -18.32 -23.20
N LYS B 309 -0.18 -19.57 -23.47
CA LYS B 309 0.43 -19.94 -24.77
C LYS B 309 -0.53 -19.74 -25.94
N GLN B 310 -1.84 -19.72 -25.70
CA GLN B 310 -2.85 -19.53 -26.73
C GLN B 310 -3.16 -18.07 -27.00
N LEU B 311 -2.58 -17.13 -26.25
CA LEU B 311 -2.80 -15.66 -26.47
C LEU B 311 -1.84 -15.19 -27.57
N LYS B 312 -2.02 -15.66 -28.79
CA LYS B 312 -1.12 -15.41 -29.90
C LYS B 312 -1.15 -13.94 -30.29
N TYR B 313 -2.31 -13.32 -30.42
CA TYR B 313 -2.36 -11.91 -30.80
C TYR B 313 -1.79 -11.03 -29.70
N VAL B 314 -2.05 -11.34 -28.42
CA VAL B 314 -1.40 -10.60 -27.32
C VAL B 314 0.12 -10.67 -27.48
N GLY B 315 0.67 -11.82 -27.81
CA GLY B 315 2.14 -11.92 -28.04
C GLY B 315 2.58 -11.07 -29.22
N MET B 316 1.79 -10.96 -30.27
CA MET B 316 2.11 -10.09 -31.41
C MET B 316 2.07 -8.62 -30.99
N VAL B 317 1.11 -8.21 -30.16
CA VAL B 317 1.07 -6.85 -29.59
C VAL B 317 2.37 -6.57 -28.87
N LEU B 318 2.81 -7.48 -28.03
CA LEU B 318 4.05 -7.25 -27.27
C LEU B 318 5.23 -7.11 -28.23
N ASN B 319 5.35 -7.94 -29.24
CA ASN B 319 6.48 -7.80 -30.19
C ASN B 319 6.40 -6.47 -30.94
N GLU B 320 5.21 -6.00 -31.26
CA GLU B 320 5.09 -4.71 -31.99
C GLU B 320 5.40 -3.55 -31.07
N ALA B 321 5.11 -3.62 -29.77
CA ALA B 321 5.61 -2.63 -28.81
C ALA B 321 7.13 -2.64 -28.72
N LEU B 322 7.76 -3.82 -28.65
CA LEU B 322 9.24 -3.93 -28.65
C LEU B 322 9.81 -3.43 -29.97
N ARG B 323 9.06 -3.50 -31.07
CA ARG B 323 9.60 -2.98 -32.32
C ARG B 323 9.72 -1.46 -32.21
N LEU B 324 8.62 -0.79 -31.90
CA LEU B 324 8.67 0.71 -31.91
C LEU B 324 9.46 1.27 -30.75
N TRP B 325 9.36 0.70 -29.55
CA TRP B 325 10.07 1.25 -28.39
C TRP B 325 10.71 0.12 -27.63
N PRO B 326 11.83 -0.44 -28.16
CA PRO B 326 12.52 -1.51 -27.47
C PRO B 326 13.05 -1.00 -26.14
N THR B 327 12.52 -1.53 -25.04
CA THR B 327 12.72 -0.89 -23.73
C THR B 327 14.16 -0.99 -23.31
N ALA B 328 14.91 -2.02 -23.73
CA ALA B 328 16.37 -2.02 -23.63
C ALA B 328 16.88 -1.56 -24.99
N PRO B 329 17.37 -0.32 -25.15
CA PRO B 329 17.44 0.21 -26.50
C PRO B 329 18.74 0.10 -27.27
N ALA B 330 19.73 -0.49 -26.66
CA ALA B 330 21.05 -0.59 -27.32
C ALA B 330 21.85 -1.75 -26.77
N PHE B 331 22.76 -2.27 -27.57
CA PHE B 331 23.80 -3.19 -27.12
C PHE B 331 25.09 -2.95 -27.91
N SER B 332 26.21 -3.27 -27.32
CA SER B 332 27.55 -2.93 -27.85
C SER B 332 28.28 -4.20 -28.28
N LEU B 333 29.15 -4.06 -29.28
CA LEU B 333 29.95 -5.16 -29.82
C LEU B 333 31.38 -4.65 -29.98
N TYR B 334 32.36 -5.54 -30.02
CA TYR B 334 33.72 -5.19 -30.47
C TYR B 334 34.18 -6.11 -31.59
N ALA B 335 35.01 -5.59 -32.47
CA ALA B 335 35.60 -6.40 -33.57
C ALA B 335 36.66 -7.36 -33.01
N LYS B 336 36.46 -8.65 -33.26
CA LYS B 336 37.42 -9.68 -32.77
C LYS B 336 38.77 -9.56 -33.51
N GLU B 337 38.72 -9.14 -34.74
CA GLU B 337 39.94 -8.96 -35.59
C GLU B 337 39.72 -7.75 -36.47
N ASP B 338 40.79 -7.24 -37.11
CA ASP B 338 40.63 -6.27 -38.21
C ASP B 338 39.67 -6.80 -39.25
N THR B 339 38.76 -5.96 -39.74
CA THR B 339 37.70 -6.40 -40.67
C THR B 339 37.12 -5.18 -41.35
N VAL B 340 36.39 -5.39 -42.43
CA VAL B 340 35.68 -4.33 -43.17
C VAL B 340 34.20 -4.55 -42.99
N LEU B 341 33.51 -3.53 -42.49
CA LEU B 341 32.05 -3.60 -42.33
C LEU B 341 31.35 -3.07 -43.59
N GLY B 342 30.45 -3.85 -44.19
CA GLY B 342 29.56 -3.37 -45.26
C GLY B 342 30.31 -3.09 -46.57
N GLY B 343 31.52 -3.62 -46.70
CA GLY B 343 32.41 -3.40 -47.87
C GLY B 343 32.95 -1.99 -47.94
N GLU B 344 32.77 -1.16 -46.90
CA GLU B 344 33.01 0.28 -46.97
C GLU B 344 33.78 0.79 -45.76
N TYR B 345 33.59 0.20 -44.59
CA TYR B 345 34.08 0.83 -43.33
C TYR B 345 35.08 -0.06 -42.66
N PRO B 346 36.38 0.24 -42.79
CA PRO B 346 37.43 -0.55 -42.17
C PRO B 346 37.39 -0.41 -40.64
N LEU B 347 37.52 -1.55 -39.95
CA LEU B 347 37.59 -1.60 -38.48
C LEU B 347 38.87 -2.29 -38.03
N GLU B 348 39.44 -1.84 -36.94
CA GLU B 348 40.60 -2.47 -36.29
C GLU B 348 40.11 -3.37 -35.13
N LYS B 349 40.88 -4.40 -34.84
CA LYS B 349 40.65 -5.32 -33.70
C LYS B 349 40.42 -4.45 -32.47
N GLY B 350 39.32 -4.71 -31.77
CA GLY B 350 38.98 -3.95 -30.58
C GLY B 350 38.04 -2.79 -30.83
N ASP B 351 37.78 -2.41 -32.08
CA ASP B 351 36.91 -1.22 -32.31
C ASP B 351 35.51 -1.52 -31.78
N GLU B 352 34.91 -0.53 -31.15
CA GLU B 352 33.60 -0.64 -30.48
C GLU B 352 32.45 -0.10 -31.33
N LEU B 353 31.38 -0.87 -31.42
CA LEU B 353 30.13 -0.56 -32.12
C LEU B 353 29.01 -0.50 -31.11
N MET B 354 27.99 0.30 -31.40
CA MET B 354 26.75 0.36 -30.60
C MET B 354 25.61 0.20 -31.56
N VAL B 355 24.72 -0.77 -31.33
CA VAL B 355 23.51 -1.01 -32.12
C VAL B 355 22.39 -0.17 -31.53
N LEU B 356 21.83 0.75 -32.33
CA LEU B 356 20.68 1.58 -31.89
C LEU B 356 19.40 0.85 -32.27
N ILE B 357 18.87 0.08 -31.36
CA ILE B 357 17.75 -0.84 -31.70
C ILE B 357 16.52 -0.07 -32.17
N PRO B 358 16.11 1.10 -31.60
CA PRO B 358 14.92 1.77 -32.13
C PRO B 358 15.07 2.17 -33.59
N GLN B 359 16.31 2.49 -34.02
CA GLN B 359 16.54 2.83 -35.45
C GLN B 359 16.56 1.61 -36.33
N LEU B 360 17.17 0.51 -35.92
CA LEU B 360 17.09 -0.74 -36.68
C LEU B 360 15.61 -1.04 -36.95
N HIS B 361 14.76 -0.94 -35.92
CA HIS B 361 13.33 -1.28 -36.00
C HIS B 361 12.51 -0.29 -36.82
N ARG B 362 13.12 0.80 -37.31
CA ARG B 362 12.49 1.79 -38.19
C ARG B 362 13.08 1.72 -39.57
N ASP B 363 13.82 0.68 -39.94
CA ASP B 363 14.46 0.60 -41.29
C ASP B 363 13.37 0.33 -42.32
N LYS B 364 13.09 1.34 -43.19
CA LYS B 364 11.94 1.25 -44.13
C LYS B 364 12.22 0.21 -45.22
N THR B 365 13.47 -0.15 -45.46
CA THR B 365 13.80 -1.21 -46.45
C THR B 365 13.30 -2.56 -45.96
N ILE B 366 13.14 -2.72 -44.66
CA ILE B 366 12.61 -3.96 -44.03
C ILE B 366 11.11 -3.86 -43.79
N TRP B 367 10.65 -2.80 -43.15
CA TRP B 367 9.27 -2.77 -42.65
C TRP B 367 8.29 -2.10 -43.62
N GLY B 368 8.76 -1.32 -44.59
CA GLY B 368 7.88 -0.57 -45.53
C GLY B 368 7.52 0.82 -45.07
N ASP B 369 6.72 1.49 -45.91
CA ASP B 369 6.21 2.87 -45.78
C ASP B 369 5.52 3.07 -44.42
N ASP B 370 4.80 2.05 -43.96
CA ASP B 370 3.89 2.12 -42.76
C ASP B 370 4.70 1.92 -41.44
N VAL B 371 6.01 2.09 -41.47
CA VAL B 371 6.93 1.76 -40.33
C VAL B 371 6.55 2.44 -38.98
N GLU B 372 5.93 3.61 -38.92
CA GLU B 372 5.55 4.29 -37.63
C GLU B 372 4.18 3.80 -37.14
N GLU B 373 3.49 3.00 -37.90
CA GLU B 373 2.14 2.48 -37.57
C GLU B 373 2.32 1.29 -36.61
N PHE B 374 1.40 1.16 -35.67
CA PHE B 374 1.35 0.02 -34.73
C PHE B 374 0.47 -1.05 -35.37
N ARG B 375 1.08 -2.14 -35.85
CA ARG B 375 0.41 -3.16 -36.67
C ARG B 375 0.93 -4.52 -36.23
N PRO B 376 0.37 -5.12 -35.16
CA PRO B 376 0.85 -6.40 -34.65
C PRO B 376 0.87 -7.53 -35.69
N GLU B 377 0.02 -7.41 -36.73
CA GLU B 377 -0.04 -8.46 -37.78
C GLU B 377 1.30 -8.57 -38.53
N ARG B 378 2.22 -7.61 -38.43
CA ARG B 378 3.61 -7.72 -38.99
C ARG B 378 4.26 -8.99 -38.46
N PHE B 379 3.86 -9.50 -37.29
CA PHE B 379 4.48 -10.62 -36.57
C PHE B 379 3.72 -11.93 -36.69
N GLU B 380 2.79 -12.04 -37.66
CA GLU B 380 2.06 -13.32 -37.84
C GLU B 380 2.99 -14.48 -38.18
N ASN B 381 4.06 -14.23 -38.90
CA ASN B 381 4.94 -15.32 -39.40
C ASN B 381 6.40 -14.95 -39.23
N PRO B 382 7.10 -15.53 -38.22
CA PRO B 382 8.52 -15.18 -38.04
C PRO B 382 9.44 -15.41 -39.27
N SER B 383 9.03 -16.32 -40.16
CA SER B 383 9.83 -16.67 -41.34
C SER B 383 9.77 -15.55 -42.36
N ALA B 384 8.74 -14.66 -42.27
CA ALA B 384 8.63 -13.52 -43.20
C ALA B 384 9.43 -12.32 -42.72
N ILE B 385 10.00 -12.33 -41.54
CA ILE B 385 10.87 -11.22 -41.04
C ILE B 385 12.34 -11.49 -41.44
N PRO B 386 13.03 -10.55 -42.12
CA PRO B 386 14.41 -10.81 -42.53
C PRO B 386 15.32 -11.12 -41.35
N GLN B 387 16.43 -11.80 -41.61
CA GLN B 387 17.38 -12.09 -40.51
C GLN B 387 17.91 -10.82 -39.87
N HIS B 388 18.03 -10.79 -38.57
CA HIS B 388 18.65 -9.70 -37.81
C HIS B 388 17.89 -8.38 -37.96
N ALA B 389 16.63 -8.40 -38.33
CA ALA B 389 15.81 -7.20 -38.43
C ALA B 389 15.23 -6.78 -37.09
N PHE B 390 15.08 -7.71 -36.16
CA PHE B 390 14.27 -7.50 -34.94
C PHE B 390 15.11 -8.01 -33.78
N LYS B 391 15.65 -7.12 -32.97
CA LYS B 391 16.66 -7.50 -31.96
C LYS B 391 16.40 -6.96 -30.56
N PRO B 392 15.14 -6.97 -30.06
CA PRO B 392 14.92 -6.37 -28.75
C PRO B 392 15.52 -7.11 -27.55
N PHE B 393 15.92 -8.38 -27.78
CA PHE B 393 16.58 -9.21 -26.73
C PHE B 393 18.06 -9.42 -27.04
N GLY B 394 18.67 -8.61 -27.89
CA GLY B 394 20.10 -8.77 -28.16
C GLY B 394 20.37 -9.87 -29.16
N ASN B 395 21.58 -10.40 -29.13
CA ASN B 395 22.08 -11.28 -30.21
C ASN B 395 22.89 -12.46 -29.68
N GLY B 396 22.60 -13.62 -30.28
CA GLY B 396 23.52 -14.78 -30.21
C GLY B 396 23.61 -15.35 -28.81
N GLN B 397 24.76 -15.85 -28.43
CA GLN B 397 24.92 -16.47 -27.12
C GLN B 397 24.82 -15.45 -25.96
N ARG B 398 24.94 -14.16 -26.29
CA ARG B 398 24.81 -13.05 -25.30
C ARG B 398 23.40 -12.42 -25.40
N ALA B 399 22.45 -13.11 -25.99
CA ALA B 399 21.07 -12.60 -25.97
C ALA B 399 20.49 -12.76 -24.58
N CYS B 400 19.38 -12.07 -24.32
CA CYS B 400 18.71 -12.07 -23.03
C CYS B 400 18.36 -13.49 -22.56
N ILE B 401 18.84 -13.84 -21.39
CA ILE B 401 18.45 -15.17 -20.82
C ILE B 401 17.03 -15.11 -20.31
N GLY B 402 16.53 -13.93 -19.99
CA GLY B 402 15.18 -13.74 -19.41
C GLY B 402 14.08 -13.64 -20.45
N GLN B 403 14.28 -13.83 -21.73
CA GLN B 403 13.28 -13.51 -22.77
C GLN B 403 12.01 -14.31 -22.53
N GLN B 404 12.10 -15.62 -22.27
CA GLN B 404 10.85 -16.44 -22.08
C GLN B 404 10.14 -16.01 -20.80
N PHE B 405 10.85 -15.67 -19.75
CA PHE B 405 10.28 -15.22 -18.47
C PHE B 405 9.53 -13.92 -18.73
N ALA B 406 10.17 -12.94 -19.35
CA ALA B 406 9.55 -11.63 -19.57
C ALA B 406 8.31 -11.79 -20.44
N LEU B 407 8.38 -12.54 -21.52
CA LEU B 407 7.21 -12.66 -22.42
C LEU B 407 6.11 -13.48 -21.76
N HIS B 408 6.39 -14.47 -20.94
CA HIS B 408 5.30 -15.20 -20.27
C HIS B 408 4.60 -14.25 -19.31
N GLU B 409 5.34 -13.58 -18.44
CA GLU B 409 4.77 -12.62 -17.46
C GLU B 409 3.96 -11.57 -18.23
N ALA B 410 4.51 -10.91 -19.24
CA ALA B 410 3.82 -9.81 -19.90
C ALA B 410 2.58 -10.33 -20.61
N THR B 411 2.59 -11.51 -21.25
CA THR B 411 1.41 -12.02 -21.94
C THR B 411 0.31 -12.35 -20.92
N LEU B 412 0.67 -12.95 -19.81
CA LEU B 412 -0.32 -13.29 -18.75
C LEU B 412 -0.98 -12.01 -18.27
N VAL B 413 -0.20 -11.01 -17.90
CA VAL B 413 -0.68 -9.75 -17.26
C VAL B 413 -1.50 -8.99 -18.29
N LEU B 414 -1.01 -8.79 -19.49
CA LEU B 414 -1.80 -8.05 -20.48
C LEU B 414 -3.08 -8.81 -20.79
N GLY B 415 -3.07 -10.14 -20.89
CA GLY B 415 -4.31 -10.90 -21.18
C GLY B 415 -5.31 -10.67 -20.05
N MET B 416 -4.87 -10.71 -18.80
CA MET B 416 -5.80 -10.47 -17.66
C MET B 416 -6.32 -9.05 -17.71
N MET B 417 -5.49 -8.06 -17.99
CA MET B 417 -5.94 -6.67 -18.07
C MET B 417 -7.01 -6.54 -19.13
N LEU B 418 -6.83 -7.12 -20.28
CA LEU B 418 -7.77 -6.99 -21.40
C LEU B 418 -9.04 -7.80 -21.11
N LYS B 419 -9.00 -8.87 -20.33
CA LYS B 419 -10.22 -9.64 -19.93
C LYS B 419 -11.04 -8.80 -18.97
N HIS B 420 -10.42 -8.11 -18.01
CA HIS B 420 -11.13 -7.59 -16.84
C HIS B 420 -11.56 -6.15 -17.00
N PHE B 421 -10.98 -5.33 -17.88
CA PHE B 421 -11.20 -3.87 -17.92
C PHE B 421 -11.33 -3.34 -19.33
N ASP B 422 -12.16 -2.30 -19.47
CA ASP B 422 -12.07 -1.41 -20.64
C ASP B 422 -11.18 -0.23 -20.23
N PHE B 423 -10.48 0.34 -21.18
CA PHE B 423 -9.50 1.42 -20.88
C PHE B 423 -9.85 2.72 -21.59
N GLU B 424 -9.54 3.85 -20.95
CA GLU B 424 -9.75 5.19 -21.51
C GLU B 424 -8.47 6.00 -21.36
N ASP B 425 -8.02 6.58 -22.48
CA ASP B 425 -6.92 7.57 -22.52
C ASP B 425 -7.54 8.93 -22.17
N HIS B 426 -7.88 9.15 -20.91
CA HIS B 426 -8.76 10.27 -20.49
C HIS B 426 -8.03 11.61 -20.63
N THR B 427 -6.71 11.67 -20.65
CA THR B 427 -5.90 12.91 -20.75
C THR B 427 -5.42 13.16 -22.18
N ASN B 428 -5.66 12.24 -23.11
CA ASN B 428 -5.07 12.32 -24.46
C ASN B 428 -3.54 12.45 -24.27
N TYR B 429 -2.97 11.44 -23.65
CA TYR B 429 -1.58 11.48 -23.17
C TYR B 429 -0.61 11.71 -24.32
N GLU B 430 0.32 12.63 -24.10
CA GLU B 430 1.41 12.93 -25.05
C GLU B 430 2.67 12.14 -24.63
N LEU B 431 3.11 11.24 -25.48
CA LEU B 431 4.24 10.37 -25.12
C LEU B 431 5.46 11.20 -24.72
N ASP B 432 6.02 10.89 -23.58
CA ASP B 432 7.20 11.51 -22.95
C ASP B 432 8.03 10.35 -22.41
N ILE B 433 9.19 10.11 -23.02
CA ILE B 433 9.96 8.89 -22.70
C ILE B 433 11.08 9.21 -21.75
N LYS B 434 11.06 8.65 -20.58
CA LYS B 434 12.10 8.79 -19.55
C LYS B 434 13.15 7.67 -19.72
N GLU B 435 14.42 8.00 -19.66
CA GLU B 435 15.53 7.05 -19.87
C GLU B 435 16.24 6.80 -18.54
N THR B 436 16.23 5.56 -18.11
CA THR B 436 17.06 5.09 -16.97
C THR B 436 18.07 4.13 -17.63
N LEU B 437 18.17 2.89 -17.15
CA LEU B 437 18.86 1.86 -17.96
C LEU B 437 17.99 1.60 -19.21
N THR B 438 16.67 1.77 -19.05
CA THR B 438 15.66 1.43 -20.06
C THR B 438 14.77 2.63 -20.39
N LEU B 439 13.90 2.43 -21.34
CA LEU B 439 12.90 3.45 -21.76
C LEU B 439 11.55 3.15 -21.09
N LYS B 440 10.86 4.18 -20.63
CA LYS B 440 9.47 4.04 -20.12
C LYS B 440 8.69 5.30 -20.46
N PRO B 441 7.35 5.20 -20.64
CA PRO B 441 6.51 6.37 -20.86
C PRO B 441 6.09 7.15 -19.60
N GLU B 442 6.82 8.20 -19.27
CA GLU B 442 6.66 8.96 -18.02
C GLU B 442 5.31 9.68 -18.00
N GLY B 443 4.62 9.58 -16.88
CA GLY B 443 3.36 10.30 -16.68
C GLY B 443 2.19 9.65 -17.41
N PHE B 444 2.35 8.48 -17.96
CA PHE B 444 1.27 7.79 -18.67
C PHE B 444 0.21 7.36 -17.65
N VAL B 445 -1.03 7.81 -17.86
CA VAL B 445 -2.18 7.51 -16.97
C VAL B 445 -3.36 7.11 -17.83
N VAL B 446 -4.20 6.24 -17.30
CA VAL B 446 -5.45 5.80 -17.94
C VAL B 446 -6.53 5.68 -16.87
N LYS B 447 -7.77 5.53 -17.33
CA LYS B 447 -8.87 5.07 -16.48
C LYS B 447 -9.24 3.68 -16.91
N ALA B 448 -9.61 2.81 -15.97
CA ALA B 448 -10.02 1.43 -16.27
C ALA B 448 -11.44 1.21 -15.75
N LYS B 449 -12.36 0.89 -16.63
CA LYS B 449 -13.75 0.56 -16.24
C LYS B 449 -13.88 -0.96 -16.15
N SER B 450 -14.22 -1.46 -14.97
CA SER B 450 -14.34 -2.90 -14.74
C SER B 450 -15.39 -3.52 -15.66
N LYS B 451 -15.13 -4.66 -16.23
CA LYS B 451 -16.16 -5.49 -16.89
C LYS B 451 -16.92 -6.35 -15.86
N LYS B 452 -16.58 -6.27 -14.58
CA LYS B 452 -17.27 -6.97 -13.46
C LYS B 452 -17.23 -8.47 -13.70
N ILE B 453 -16.06 -9.00 -14.07
CA ILE B 453 -15.83 -10.47 -14.22
C ILE B 453 -15.08 -10.93 -12.97
N PRO B 454 -15.65 -11.82 -12.14
CA PRO B 454 -14.99 -12.26 -10.93
C PRO B 454 -13.71 -13.07 -11.19
N LEU B 455 -12.84 -13.01 -10.19
CA LEU B 455 -11.61 -13.82 -10.04
C LEU B 455 -11.90 -15.04 -9.15
CHA HEM C . -21.80 7.21 21.01
CHB HEM C . -18.34 4.12 22.40
CHC HEM C . -18.04 2.41 17.86
CHD HEM C . -21.27 5.68 16.45
C1A HEM C . -20.90 6.48 21.82
C2A HEM C . -20.72 6.69 23.22
C3A HEM C . -19.70 5.84 23.62
C4A HEM C . -19.30 5.11 22.46
CMA HEM C . -19.08 5.72 24.98
CAA HEM C . -21.42 7.71 24.08
CBA HEM C . -20.79 9.08 24.06
CGA HEM C . -21.37 10.11 25.00
O1A HEM C . -20.87 11.28 24.86
O2A HEM C . -22.24 9.84 25.82
C1B HEM C . -17.96 3.33 21.30
C2B HEM C . -17.06 2.25 21.31
C3B HEM C . -16.98 1.76 20.05
C4B HEM C . -17.81 2.58 19.22
CMB HEM C . -16.31 1.76 22.56
CAB HEM C . -16.16 0.63 19.49
CBB HEM C . -15.67 -0.37 20.26
C1C HEM C . -18.86 3.17 17.05
C2C HEM C . -19.11 2.98 15.66
C3C HEM C . -20.02 3.88 15.23
C4C HEM C . -20.37 4.66 16.42
CMC HEM C . -18.40 1.90 14.87
CAC HEM C . -20.61 4.15 13.92
CBC HEM C . -20.14 3.79 12.79
C1D HEM C . -21.66 6.41 17.56
C2D HEM C . -22.65 7.50 17.53
C3D HEM C . -22.85 7.86 18.81
C4D HEM C . -21.92 7.08 19.63
CMD HEM C . -23.30 8.05 16.30
CAD HEM C . -23.84 8.84 19.33
CBD HEM C . -25.21 8.19 19.60
CGD HEM C . -26.31 9.11 20.05
O1D HEM C . -26.05 9.90 21.01
O2D HEM C . -27.40 9.18 19.45
NA HEM C . -20.01 5.53 21.35
NB HEM C . -18.39 3.55 19.99
NC HEM C . -19.67 4.16 17.49
ND HEM C . -21.23 6.15 18.84
FE HEM C . -19.90 4.81 19.43
N HL0 D . -11.53 17.12 29.48
C1 HL0 D . -15.90 9.57 23.04
O1 HL0 D . -12.32 15.39 30.77
C2 HL0 D . -14.59 9.74 23.74
O2 HL0 D . -13.34 19.90 28.51
C3 HL0 D . -14.43 11.09 24.39
O3 HL0 D . -13.75 17.93 27.64
C4 HL0 D . -13.46 11.10 25.55
C5 HL0 D . -13.26 12.47 26.21
C6 HL0 D . -11.98 12.52 27.04
C7 HL0 D . -11.84 13.80 27.85
C8 HL0 D . -10.88 13.71 29.02
C9 HL0 D . -10.39 15.04 29.48
C10 HL0 D . -11.48 15.86 29.99
C11 HL0 D . -12.57 18.06 29.78
C12 HL0 D . -12.04 19.34 30.41
C13 HL0 D . -12.86 20.45 29.78
C14 HL0 D . -13.26 18.57 28.52
S DMS E . -18.19 6.39 19.03
O DMS E . -17.02 5.90 18.19
C1 DMS E . -18.80 7.91 18.30
C2 DMS E . -17.42 7.14 20.44
C1 GOL F . 2.96 -14.12 8.77
O1 GOL F . 3.03 -12.70 9.03
C2 GOL F . 4.00 -14.67 7.79
O2 GOL F . 3.93 -16.11 7.72
C3 GOL F . 5.42 -14.31 8.15
O3 GOL F . 6.37 -14.65 7.13
CHA HEM G . 20.54 -9.45 -21.55
CHB HEM G . 16.59 -7.14 -23.14
CHC HEM G . 14.02 -9.00 -19.47
CHD HEM G . 18.05 -11.00 -17.73
C1A HEM G . 19.69 -8.66 -22.29
C2A HEM G . 20.04 -7.97 -23.53
C3A HEM G . 18.95 -7.27 -23.96
C4A HEM G . 17.89 -7.61 -23.03
CMA HEM G . 18.83 -6.34 -25.14
CAA HEM G . 21.42 -7.96 -24.17
CBA HEM G . 22.35 -6.92 -23.61
CGA HEM G . 23.69 -6.75 -24.28
O1A HEM G . 24.45 -5.93 -23.66
O2A HEM G . 24.00 -7.33 -25.29
C1B HEM G . 15.54 -7.46 -22.27
C2B HEM G . 14.16 -7.06 -22.47
C3B HEM G . 13.44 -7.57 -21.46
C4B HEM G . 14.35 -8.26 -20.61
CMB HEM G . 13.65 -6.18 -23.58
CAB HEM G . 11.96 -7.50 -21.15
CBB HEM G . 10.99 -7.24 -22.02
C1C HEM G . 14.88 -9.72 -18.63
C2C HEM G . 14.53 -10.43 -17.46
C3C HEM G . 15.61 -11.01 -16.95
C4C HEM G . 16.74 -10.62 -17.84
CMC HEM G . 13.11 -10.52 -16.93
CAC HEM G . 15.87 -11.80 -15.75
CBC HEM G . 15.11 -11.88 -14.70
C1D HEM G . 19.10 -10.75 -18.60
C2D HEM G . 20.45 -11.28 -18.48
C3D HEM G . 21.13 -10.87 -19.54
C4D HEM G . 20.21 -10.08 -20.35
CMD HEM G . 20.98 -12.01 -17.27
CAD HEM G . 22.54 -11.28 -19.89
CBD HEM G . 22.60 -12.57 -20.67
CGD HEM G . 23.99 -13.05 -21.05
O1D HEM G . 24.77 -12.21 -21.57
O2D HEM G . 24.38 -14.18 -20.65
NA HEM G . 18.35 -8.44 -22.03
NB HEM G . 15.63 -8.19 -21.12
NC HEM G . 16.19 -9.89 -18.85
ND HEM G . 18.93 -10.04 -19.79
FE HEM G . 17.28 -9.19 -20.47
N HL0 H . 26.32 5.80 -24.29
C1 HL0 H . 20.46 -2.58 -21.40
O1 HL0 H . 25.49 4.99 -26.24
C2 HL0 H . 20.22 -1.28 -22.10
O2 HL0 H . 29.46 4.99 -23.07
C3 HL0 H . 21.39 -0.39 -22.02
O3 HL0 H . 27.74 3.65 -22.82
C4 HL0 H . 21.20 0.85 -22.90
C5 HL0 H . 22.38 1.80 -22.97
C6 HL0 H . 21.99 3.13 -23.63
C7 HL0 H . 23.14 4.11 -23.73
C8 HL0 H . 23.01 5.15 -24.84
C9 HL0 H . 24.05 6.20 -24.80
C10 HL0 H . 25.36 5.63 -25.19
C11 HL0 H . 27.69 5.42 -24.53
C12 HL0 H . 28.63 6.61 -24.53
C13 HL0 H . 29.90 6.04 -23.98
C14 HL0 H . 28.24 4.59 -23.37
S DMS I . 17.83 -7.24 -19.22
O DMS I . 16.70 -6.69 -18.41
C1 DMS I . 18.45 -5.88 -20.18
C2 DMS I . 19.19 -7.43 -18.07
C1 GOL J . -14.18 0.10 -12.58
O1 GOL J . -15.54 0.36 -12.93
C2 GOL J . -13.74 0.65 -11.27
O2 GOL J . -12.60 -0.08 -10.83
C3 GOL J . -13.36 2.11 -11.31
O3 GOL J . -13.90 2.79 -10.18
C1 GOL K . 8.36 -0.52 -7.03
O1 GOL K . 7.18 0.18 -6.67
C2 GOL K . 9.61 0.32 -6.87
O2 GOL K . 9.73 0.74 -5.52
C3 GOL K . 9.65 1.53 -7.78
O3 GOL K . 10.95 2.08 -7.89
#